data_2O2K
#
_entry.id   2O2K
#
_cell.length_a   77.854
_cell.length_b   90.051
_cell.length_c   123.006
_cell.angle_alpha   90.00
_cell.angle_beta   90.00
_cell.angle_gamma   90.00
#
_symmetry.space_group_name_H-M   'P 21 21 21'
#
loop_
_entity.id
_entity.type
_entity.pdbx_description
1 polymer 'Methionine synthase'
2 water water
#
_entity_poly.entity_id   1
_entity_poly.type   'polypeptide(L)'
_entity_poly.pdbx_seq_one_letter_code
;MKERRYLPLSQARKSGFQMDWLSEPHPVKPTFIGTQVFEEYDLQKLVDYIDWKPFFDVWQLRGKYPNRGFPKIFNDKTVG
GEARKVYDDAHNMLNTLISQKKLRARGVVGFWPAQSIQDDIHLYAEAAVPQAAEPIATFYGLRQQAENDSASTEPYYCLS
DFIAPLHSGIRDYLGLFAVACFGVEELSKAYEDDGDDYSSIMVKALGDRLAEAFAEELHERVRRELWAYCGSEQLDVADL
RRLRYKGIRPAPGYPSQPDHTEKLTMWRLADIEQSTGIRLTESLAMAPASAVSGLYFSNLKSKYFAVGKISKDQVEDYAL
RKNISVAEVEKWLGPILGYDTDKLAAALEHHHHHH
;
_entity_poly.pdbx_strand_id   A,B
#
# COMPACT_ATOMS: atom_id res chain seq x y z
N GLU A 3 27.54 8.57 7.44
CA GLU A 3 28.06 8.92 8.79
C GLU A 3 27.16 8.39 9.90
N ARG A 4 26.18 7.56 9.54
CA ARG A 4 25.25 7.01 10.51
C ARG A 4 25.93 6.07 11.51
N ARG A 5 25.66 6.28 12.79
CA ARG A 5 26.32 5.52 13.87
C ARG A 5 25.56 4.26 14.28
N TYR A 6 26.30 3.16 14.39
CA TYR A 6 25.77 1.90 14.89
C TYR A 6 26.59 1.40 16.08
N LEU A 7 25.90 0.95 17.11
CA LEU A 7 26.56 0.41 18.30
C LEU A 7 27.00 -1.02 18.01
N PRO A 8 28.28 -1.33 18.30
CA PRO A 8 28.77 -2.70 18.10
C PRO A 8 27.87 -3.70 18.81
N LEU A 9 27.72 -4.88 18.21
CA LEU A 9 26.77 -5.88 18.71
C LEU A 9 26.92 -6.16 20.21
N SER A 10 28.15 -6.32 20.68
CA SER A 10 28.41 -6.61 22.09
C SER A 10 27.86 -5.53 23.01
N GLN A 11 27.95 -4.28 22.58
CA GLN A 11 27.46 -3.16 23.36
C GLN A 11 25.95 -3.01 23.29
N ALA A 12 25.38 -3.26 22.12
CA ALA A 12 23.92 -3.27 21.97
C ALA A 12 23.32 -4.33 22.89
N ARG A 13 24.00 -5.47 23.01
CA ARG A 13 23.52 -6.55 23.88
C ARG A 13 23.59 -6.15 25.35
N LYS A 14 24.65 -5.43 25.73
N LYS A 14 24.65 -5.44 25.73
CA LYS A 14 24.82 -4.95 27.10
CA LYS A 14 24.80 -4.97 27.12
C LYS A 14 23.74 -3.94 27.47
C LYS A 14 23.67 -4.00 27.48
N SER A 15 23.25 -3.21 26.47
N SER A 15 23.26 -3.21 26.48
CA SER A 15 22.19 -2.24 26.65
C SER A 15 20.85 -2.76 26.11
N GLY A 16 20.68 -4.09 26.10
CA GLY A 16 19.43 -4.71 25.67
C GLY A 16 18.29 -4.38 26.62
N PHE A 17 17.06 -4.68 26.22
CA PHE A 17 15.92 -4.47 27.13
C PHE A 17 16.05 -5.41 28.32
N GLN A 18 15.95 -4.84 29.53
CA GLN A 18 16.15 -5.60 30.76
C GLN A 18 14.84 -5.83 31.52
N MET A 19 14.43 -7.10 31.59
CA MET A 19 13.18 -7.48 32.22
C MET A 19 13.24 -7.49 33.76
N ASP A 20 14.45 -7.61 34.30
CA ASP A 20 14.68 -7.78 35.75
C ASP A 20 14.00 -9.07 36.21
N TRP A 21 14.52 -10.20 35.72
CA TRP A 21 13.90 -11.50 35.92
C TRP A 21 13.78 -11.93 37.39
N LEU A 22 14.73 -11.50 38.21
CA LEU A 22 14.69 -11.80 39.64
C LEU A 22 13.37 -11.35 40.28
N SER A 23 12.84 -10.23 39.77
CA SER A 23 11.61 -9.65 40.31
C SER A 23 10.36 -10.03 39.51
N GLU A 24 10.52 -10.84 38.47
CA GLU A 24 9.40 -11.20 37.60
C GLU A 24 8.48 -12.25 38.21
N PRO A 25 7.17 -12.16 37.90
CA PRO A 25 6.27 -13.28 38.19
C PRO A 25 6.59 -14.43 37.23
N HIS A 26 6.18 -15.64 37.60
CA HIS A 26 6.37 -16.78 36.71
C HIS A 26 5.41 -16.71 35.53
N PRO A 27 5.93 -16.87 34.30
CA PRO A 27 5.06 -17.08 33.13
C PRO A 27 4.07 -18.20 33.38
N VAL A 28 2.89 -18.09 32.77
CA VAL A 28 1.86 -19.08 32.88
C VAL A 28 2.12 -20.22 31.89
N LYS A 29 2.02 -21.46 32.36
CA LYS A 29 2.12 -22.60 31.46
C LYS A 29 0.81 -22.72 30.68
N PRO A 30 0.88 -22.76 29.33
CA PRO A 30 -0.33 -22.94 28.53
C PRO A 30 -1.08 -24.24 28.85
N THR A 31 -2.34 -24.33 28.44
CA THR A 31 -3.20 -25.46 28.79
C THR A 31 -2.78 -26.77 28.12
N PHE A 32 -1.95 -26.66 27.09
CA PHE A 32 -1.34 -27.82 26.43
C PHE A 32 -0.01 -27.45 25.81
N ILE A 33 0.82 -28.47 25.58
CA ILE A 33 2.08 -28.34 24.86
C ILE A 33 1.98 -29.14 23.57
N GLY A 34 2.43 -28.54 22.47
CA GLY A 34 2.25 -29.12 21.15
C GLY A 34 1.22 -28.29 20.42
N THR A 35 0.52 -28.89 19.46
CA THR A 35 -0.42 -28.13 18.64
C THR A 35 -1.88 -28.54 18.83
N GLN A 36 -2.76 -27.59 18.51
CA GLN A 36 -4.18 -27.86 18.32
C GLN A 36 -4.54 -27.37 16.93
N VAL A 37 -5.21 -28.24 16.18
CA VAL A 37 -5.55 -27.96 14.78
C VAL A 37 -7.03 -27.65 14.64
N PHE A 38 -7.32 -26.62 13.86
CA PHE A 38 -8.68 -26.27 13.47
C PHE A 38 -8.89 -26.63 12.01
N GLU A 39 -9.65 -27.70 11.76
CA GLU A 39 -9.92 -28.14 10.39
C GLU A 39 -11.03 -27.30 9.78
N GLU A 40 -11.81 -26.66 10.65
CA GLU A 40 -12.81 -25.66 10.26
C GLU A 40 -12.87 -24.58 11.34
N TYR A 41 -13.51 -23.46 11.02
CA TYR A 41 -13.75 -22.41 11.99
C TYR A 41 -15.05 -21.69 11.69
N ASP A 42 -15.70 -21.19 12.74
CA ASP A 42 -16.98 -20.51 12.61
C ASP A 42 -16.76 -19.13 11.97
N LEU A 43 -17.03 -19.06 10.67
CA LEU A 43 -16.84 -17.82 9.92
C LEU A 43 -17.81 -16.71 10.34
N GLN A 44 -19.03 -17.09 10.70
CA GLN A 44 -19.99 -16.09 11.17
C GLN A 44 -19.50 -15.38 12.43
N LYS A 45 -18.88 -16.13 13.34
CA LYS A 45 -18.29 -15.57 14.55
C LYS A 45 -17.17 -14.58 14.24
N LEU A 46 -16.42 -14.87 13.18
CA LEU A 46 -15.31 -14.00 12.77
C LEU A 46 -15.75 -12.66 12.23
N VAL A 47 -16.94 -12.62 11.62
CA VAL A 47 -17.48 -11.38 11.05
C VAL A 47 -17.46 -10.25 12.08
N ASP A 48 -17.78 -10.58 13.33
CA ASP A 48 -17.79 -9.57 14.39
C ASP A 48 -16.40 -9.02 14.74
N TYR A 49 -15.36 -9.76 14.34
CA TYR A 49 -13.98 -9.36 14.61
C TYR A 49 -13.32 -8.63 13.43
N ILE A 50 -14.07 -8.46 12.35
CA ILE A 50 -13.52 -7.78 11.16
C ILE A 50 -13.16 -6.32 11.44
N ASP A 51 -11.96 -5.94 10.99
CA ASP A 51 -11.53 -4.55 10.95
C ASP A 51 -11.88 -4.03 9.56
N TRP A 52 -12.93 -3.22 9.48
CA TRP A 52 -13.47 -2.80 8.18
C TRP A 52 -12.66 -1.70 7.50
N LYS A 53 -11.77 -1.03 8.22
CA LYS A 53 -11.01 0.08 7.64
C LYS A 53 -10.23 -0.30 6.36
N PRO A 54 -9.39 -1.37 6.41
CA PRO A 54 -8.71 -1.76 5.15
C PRO A 54 -9.65 -2.14 4.01
N PHE A 55 -10.84 -2.64 4.35
CA PHE A 55 -11.84 -2.98 3.34
C PHE A 55 -12.32 -1.71 2.64
N PHE A 56 -12.67 -0.69 3.42
CA PHE A 56 -13.08 0.58 2.85
C PHE A 56 -11.96 1.25 2.08
N ASP A 57 -10.73 1.08 2.54
CA ASP A 57 -9.55 1.56 1.79
C ASP A 57 -9.44 0.93 0.41
N VAL A 58 -9.69 -0.37 0.31
CA VAL A 58 -9.68 -1.06 -0.99
C VAL A 58 -10.70 -0.41 -1.91
N TRP A 59 -11.91 -0.20 -1.39
CA TRP A 59 -12.98 0.32 -2.23
C TRP A 59 -12.82 1.79 -2.60
N GLN A 60 -12.13 2.56 -1.76
CA GLN A 60 -11.79 3.94 -2.11
C GLN A 60 -10.83 3.94 -3.29
N LEU A 61 -9.85 3.04 -3.25
CA LEU A 61 -8.84 2.93 -4.30
C LEU A 61 -9.42 2.44 -5.62
N ARG A 62 -10.16 1.33 -5.57
CA ARG A 62 -10.76 0.76 -6.79
C ARG A 62 -11.92 1.59 -7.32
N GLY A 63 -12.69 2.19 -6.41
CA GLY A 63 -13.88 2.94 -6.79
C GLY A 63 -13.63 4.20 -7.58
N LYS A 64 -12.43 4.77 -7.46
CA LYS A 64 -12.08 5.95 -8.23
C LYS A 64 -12.02 5.63 -9.72
N TYR A 65 -11.56 4.42 -10.03
CA TYR A 65 -11.47 3.97 -11.42
C TYR A 65 -12.33 2.71 -11.58
N PRO A 66 -13.66 2.87 -11.65
CA PRO A 66 -14.49 1.68 -11.69
C PRO A 66 -14.30 0.86 -12.97
N ASN A 67 -14.30 -0.47 -12.82
CA ASN A 67 -14.38 -1.34 -13.99
C ASN A 67 -15.78 -1.29 -14.54
N ARG A 68 -15.92 -1.70 -15.79
CA ARG A 68 -17.23 -1.89 -16.37
C ARG A 68 -17.98 -2.92 -15.52
N GLY A 69 -19.26 -2.67 -15.28
CA GLY A 69 -20.10 -3.60 -14.53
C GLY A 69 -20.22 -3.36 -13.04
N PHE A 70 -19.62 -2.27 -12.56
CA PHE A 70 -19.80 -1.84 -11.16
C PHE A 70 -21.26 -1.40 -10.94
N PRO A 71 -21.71 -1.39 -9.68
CA PRO A 71 -23.05 -0.85 -9.39
C PRO A 71 -23.19 0.60 -9.88
N LYS A 72 -24.41 0.97 -10.27
CA LYS A 72 -24.71 2.29 -10.83
C LYS A 72 -24.28 3.47 -9.95
N ILE A 73 -24.17 3.24 -8.64
CA ILE A 73 -23.82 4.29 -7.68
C ILE A 73 -22.41 4.88 -7.86
N PHE A 74 -21.53 4.13 -8.53
CA PHE A 74 -20.16 4.58 -8.77
C PHE A 74 -20.07 5.69 -9.83
N ASN A 75 -21.21 5.97 -10.46
CA ASN A 75 -21.31 7.01 -11.48
C ASN A 75 -21.87 8.34 -10.95
N ASP A 76 -22.11 8.39 -9.63
CA ASP A 76 -22.70 9.56 -8.98
C ASP A 76 -21.67 10.64 -8.65
N LYS A 77 -22.14 11.73 -8.05
CA LYS A 77 -21.29 12.87 -7.70
C LYS A 77 -20.42 12.58 -6.47
N GLY A 81 -22.32 7.49 -0.78
CA GLY A 81 -23.19 6.40 -1.21
C GLY A 81 -22.46 5.10 -1.49
N GLU A 82 -21.25 5.21 -2.04
CA GLU A 82 -20.46 4.04 -2.39
C GLU A 82 -20.11 3.16 -1.19
N ALA A 83 -19.72 3.79 -0.08
CA ALA A 83 -19.32 3.05 1.13
C ALA A 83 -20.45 2.18 1.65
N ARG A 84 -21.66 2.73 1.69
CA ARG A 84 -22.81 1.95 2.14
C ARG A 84 -23.12 0.79 1.20
N LYS A 85 -23.04 1.05 -0.11
CA LYS A 85 -23.32 0.03 -1.12
C LYS A 85 -22.29 -1.11 -1.05
N VAL A 86 -20.99 -0.79 -0.97
CA VAL A 86 -20.00 -1.86 -0.88
C VAL A 86 -20.11 -2.64 0.44
N TYR A 87 -20.50 -1.95 1.51
CA TYR A 87 -20.67 -2.59 2.80
C TYR A 87 -21.85 -3.57 2.79
N ASP A 88 -23.00 -3.10 2.30
CA ASP A 88 -24.17 -3.97 2.18
C ASP A 88 -23.92 -5.16 1.27
N ASP A 89 -23.28 -4.91 0.12
CA ASP A 89 -22.92 -5.97 -0.82
C ASP A 89 -21.95 -6.96 -0.17
N ALA A 90 -21.02 -6.45 0.63
CA ALA A 90 -20.11 -7.33 1.38
C ALA A 90 -20.90 -8.26 2.29
N HIS A 91 -21.88 -7.73 3.00
CA HIS A 91 -22.66 -8.56 3.91
C HIS A 91 -23.48 -9.61 3.20
N ASN A 92 -24.08 -9.24 2.07
CA ASN A 92 -24.81 -10.20 1.25
C ASN A 92 -23.89 -11.32 0.78
N MET A 93 -22.69 -10.97 0.32
CA MET A 93 -21.73 -11.97 -0.15
C MET A 93 -21.29 -12.89 0.98
N LEU A 94 -20.95 -12.30 2.14
CA LEU A 94 -20.56 -13.08 3.31
C LEU A 94 -21.65 -14.08 3.69
N ASN A 95 -22.89 -13.61 3.78
CA ASN A 95 -24.01 -14.49 4.11
C ASN A 95 -24.11 -15.68 3.17
N THR A 96 -24.07 -15.40 1.87
CA THR A 96 -24.23 -16.41 0.84
C THR A 96 -23.05 -17.39 0.82
N LEU A 97 -21.83 -16.87 0.90
CA LEU A 97 -20.65 -17.72 0.85
C LEU A 97 -20.46 -18.57 2.11
N ILE A 98 -20.79 -18.01 3.28
CA ILE A 98 -20.68 -18.76 4.53
CA ILE A 98 -20.69 -18.76 4.53
C ILE A 98 -21.73 -19.89 4.55
N SER A 99 -22.98 -19.56 4.23
CA SER A 99 -24.05 -20.55 4.24
C SER A 99 -23.85 -21.68 3.21
N GLN A 100 -23.30 -21.33 2.05
CA GLN A 100 -23.03 -22.31 0.99
C GLN A 100 -21.69 -23.01 1.18
N LYS A 101 -20.96 -22.62 2.22
CA LYS A 101 -19.66 -23.19 2.56
C LYS A 101 -18.67 -23.08 1.40
N LYS A 102 -18.69 -21.93 0.72
CA LYS A 102 -17.82 -21.66 -0.41
C LYS A 102 -16.52 -20.97 0.03
N LEU A 103 -16.50 -20.56 1.28
CA LEU A 103 -15.28 -20.13 1.98
C LEU A 103 -15.16 -21.00 3.22
N ARG A 104 -13.93 -21.27 3.62
CA ARG A 104 -13.69 -22.01 4.87
C ARG A 104 -12.36 -21.58 5.46
N ALA A 105 -12.21 -21.74 6.76
CA ALA A 105 -10.99 -21.33 7.42
C ALA A 105 -10.37 -22.51 8.13
N ARG A 106 -9.04 -22.55 8.12
CA ARG A 106 -8.29 -23.55 8.85
C ARG A 106 -7.18 -22.85 9.60
N GLY A 107 -6.75 -23.44 10.71
CA GLY A 107 -5.66 -22.85 11.48
C GLY A 107 -4.99 -23.84 12.39
N VAL A 108 -3.93 -23.37 13.03
CA VAL A 108 -3.22 -24.18 14.02
C VAL A 108 -2.62 -23.23 15.05
N VAL A 109 -2.65 -23.66 16.31
CA VAL A 109 -1.98 -22.98 17.42
C VAL A 109 -1.07 -23.99 18.10
N GLY A 110 0.08 -23.54 18.55
CA GLY A 110 1.01 -24.42 19.27
C GLY A 110 1.68 -23.70 20.41
N PHE A 111 2.04 -24.46 21.45
CA PHE A 111 2.81 -23.92 22.57
C PHE A 111 3.92 -24.86 22.99
N TRP A 112 5.06 -24.30 23.37
CA TRP A 112 6.19 -25.09 23.84
C TRP A 112 6.94 -24.35 24.92
N PRO A 113 7.55 -25.11 25.86
CA PRO A 113 8.55 -24.54 26.75
C PRO A 113 9.57 -23.76 25.94
N ALA A 114 9.98 -22.60 26.45
CA ALA A 114 10.92 -21.74 25.76
C ALA A 114 11.82 -21.02 26.75
N GLN A 115 13.07 -20.82 26.36
CA GLN A 115 14.03 -20.06 27.16
C GLN A 115 14.96 -19.33 26.22
N SER A 116 15.50 -18.19 26.67
CA SER A 116 16.41 -17.44 25.84
C SER A 116 17.88 -17.69 26.17
N ILE A 117 18.71 -17.65 25.13
CA ILE A 117 20.16 -17.56 25.27
C ILE A 117 20.61 -16.40 24.40
N GLN A 118 21.08 -15.35 25.06
CA GLN A 118 21.42 -14.08 24.41
C GLN A 118 20.30 -13.59 23.46
N ASP A 119 20.53 -13.62 22.15
CA ASP A 119 19.57 -13.04 21.19
C ASP A 119 18.56 -14.04 20.66
N ASP A 120 18.65 -15.30 21.11
CA ASP A 120 17.84 -16.38 20.56
C ASP A 120 16.90 -17.02 21.57
N ILE A 121 15.83 -17.62 21.04
CA ILE A 121 14.83 -18.32 21.85
C ILE A 121 14.86 -19.78 21.49
N HIS A 122 15.15 -20.64 22.46
CA HIS A 122 15.13 -22.09 22.27
C HIS A 122 13.84 -22.65 22.79
N LEU A 123 13.28 -23.63 22.07
CA LEU A 123 12.10 -24.34 22.51
C LEU A 123 12.46 -25.78 22.89
N TYR A 124 11.74 -26.34 23.85
CA TYR A 124 12.04 -27.64 24.43
C TYR A 124 10.81 -28.54 24.47
N ALA A 125 11.03 -29.84 24.55
CA ALA A 125 9.96 -30.82 24.70
C ALA A 125 9.21 -30.61 26.02
N GLU A 126 7.93 -31.00 26.03
CA GLU A 126 7.07 -30.80 27.19
C GLU A 126 7.69 -31.28 28.51
N ALA A 127 8.18 -32.51 28.51
CA ALA A 127 8.68 -33.14 29.73
C ALA A 127 10.16 -32.84 30.01
N ALA A 128 10.79 -32.09 29.12
CA ALA A 128 12.22 -31.80 29.25
C ALA A 128 12.52 -30.83 30.39
N VAL A 129 13.72 -30.97 30.97
CA VAL A 129 14.28 -29.93 31.83
C VAL A 129 15.18 -29.13 30.89
N PRO A 130 14.78 -27.88 30.55
CA PRO A 130 15.50 -27.16 29.51
C PRO A 130 17.03 -27.11 29.67
N GLN A 131 17.53 -26.90 30.89
CA GLN A 131 18.98 -26.87 31.11
C GLN A 131 19.67 -28.20 30.83
N ALA A 132 18.90 -29.28 30.83
CA ALA A 132 19.45 -30.63 30.66
C ALA A 132 19.25 -31.19 29.26
N ALA A 133 18.56 -30.45 28.40
CA ALA A 133 18.01 -31.00 27.17
C ALA A 133 18.44 -30.25 25.91
N GLU A 134 18.40 -30.95 24.78
CA GLU A 134 18.65 -30.33 23.49
C GLU A 134 17.37 -29.65 23.02
N PRO A 135 17.47 -28.38 22.58
CA PRO A 135 16.28 -27.71 22.03
C PRO A 135 15.68 -28.49 20.86
N ILE A 136 14.35 -28.42 20.74
CA ILE A 136 13.63 -29.03 19.62
C ILE A 136 13.49 -28.06 18.45
N ALA A 137 13.70 -26.77 18.72
CA ALA A 137 13.66 -25.71 17.72
C ALA A 137 14.32 -24.46 18.28
N THR A 138 14.77 -23.58 17.38
CA THR A 138 15.27 -22.27 17.79
C THR A 138 14.67 -21.17 16.94
N PHE A 139 14.16 -20.14 17.60
CA PHE A 139 13.73 -18.92 16.91
C PHE A 139 14.78 -17.84 17.18
N TYR A 140 15.46 -17.45 16.12
CA TYR A 140 16.59 -16.51 16.21
C TYR A 140 16.09 -15.10 16.27
N GLY A 141 16.74 -14.30 17.11
CA GLY A 141 16.38 -12.90 17.24
C GLY A 141 17.35 -11.98 16.53
N LEU A 142 16.88 -10.77 16.25
CA LEU A 142 17.73 -9.67 15.80
C LEU A 142 17.59 -8.50 16.75
N ARG A 143 18.67 -7.78 16.97
CA ARG A 143 18.71 -6.70 17.95
C ARG A 143 18.94 -5.33 17.34
N GLN A 144 18.23 -4.32 17.85
CA GLN A 144 18.44 -2.94 17.42
C GLN A 144 19.91 -2.55 17.63
N GLN A 145 20.45 -1.77 16.69
CA GLN A 145 21.86 -1.34 16.74
C GLN A 145 22.07 0.13 16.43
N ALA A 146 21.15 0.72 15.67
CA ALA A 146 21.32 2.12 15.24
C ALA A 146 21.27 3.08 16.43
N GLU A 147 22.25 4.00 16.46
CA GLU A 147 22.35 5.00 17.52
C GLU A 147 21.53 6.25 17.24
N ASN A 148 21.17 6.97 18.30
CA ASN A 148 20.40 8.21 18.23
C ASN A 148 20.52 9.03 19.51
N SER A 152 18.99 7.16 31.99
CA SER A 152 19.77 6.49 30.96
C SER A 152 19.02 6.44 29.61
N THR A 153 19.76 6.13 28.55
CA THR A 153 19.18 6.04 27.20
C THR A 153 18.31 4.78 27.02
N GLU A 154 17.53 4.78 25.95
CA GLU A 154 16.59 3.71 25.62
C GLU A 154 17.33 2.40 25.35
N PRO A 155 16.70 1.25 25.70
CA PRO A 155 17.37 -0.01 25.40
C PRO A 155 17.39 -0.36 23.91
N TYR A 156 18.15 -1.40 23.58
CA TYR A 156 18.20 -1.95 22.24
C TYR A 156 17.44 -3.28 22.26
N TYR A 157 16.22 -3.27 21.72
CA TYR A 157 15.32 -4.40 21.78
C TYR A 157 15.68 -5.55 20.87
N CYS A 158 15.34 -6.76 21.33
CA CYS A 158 15.36 -8.00 20.55
C CYS A 158 14.23 -8.86 21.11
N LEU A 159 13.55 -9.61 20.25
CA LEU A 159 12.43 -10.42 20.73
C LEU A 159 12.80 -11.39 21.85
N SER A 160 14.05 -11.85 21.87
CA SER A 160 14.48 -12.77 22.92
C SER A 160 14.43 -12.13 24.31
N ASP A 161 14.48 -10.79 24.37
CA ASP A 161 14.37 -10.06 25.64
C ASP A 161 13.04 -10.31 26.36
N PHE A 162 12.07 -10.86 25.64
CA PHE A 162 10.73 -11.07 26.22
C PHE A 162 10.51 -12.49 26.77
N ILE A 163 11.55 -13.31 26.71
CA ILE A 163 11.49 -14.72 27.16
C ILE A 163 12.56 -14.95 28.23
N ALA A 164 12.20 -15.65 29.31
CA ALA A 164 13.14 -15.85 30.44
C ALA A 164 14.40 -16.57 30.02
N PRO A 165 15.57 -16.07 30.46
CA PRO A 165 16.82 -16.78 30.17
C PRO A 165 16.84 -18.21 30.66
N LEU A 166 17.52 -19.07 29.90
CA LEU A 166 17.70 -20.48 30.26
C LEU A 166 18.15 -20.66 31.71
N HIS A 167 19.06 -19.80 32.16
CA HIS A 167 19.65 -19.94 33.50
C HIS A 167 18.99 -19.08 34.58
N SER A 168 17.84 -18.51 34.26
CA SER A 168 17.14 -17.62 35.20
C SER A 168 16.45 -18.34 36.34
N GLY A 169 16.19 -19.64 36.16
CA GLY A 169 15.41 -20.42 37.10
C GLY A 169 13.91 -20.24 36.91
N ILE A 170 13.53 -19.58 35.82
CA ILE A 170 12.13 -19.33 35.50
C ILE A 170 11.79 -20.07 34.21
N ARG A 171 10.73 -20.87 34.24
CA ARG A 171 10.24 -21.55 33.04
C ARG A 171 9.36 -20.62 32.24
N ASP A 172 9.65 -20.53 30.95
CA ASP A 172 8.85 -19.73 30.05
C ASP A 172 8.30 -20.57 28.91
N TYR A 173 7.51 -19.93 28.06
CA TYR A 173 6.80 -20.61 26.97
C TYR A 173 6.67 -19.65 25.81
N LEU A 174 6.59 -20.23 24.61
CA LEU A 174 6.32 -19.48 23.39
C LEU A 174 5.21 -20.19 22.63
N GLY A 175 4.33 -19.42 22.01
CA GLY A 175 3.34 -20.03 21.12
C GLY A 175 3.53 -19.62 19.68
N LEU A 176 2.77 -20.23 18.79
CA LEU A 176 2.69 -19.76 17.41
C LEU A 176 1.32 -20.09 16.84
N PHE A 177 1.00 -19.45 15.73
CA PHE A 177 -0.22 -19.74 15.02
C PHE A 177 -0.05 -19.53 13.52
N ALA A 178 -0.88 -20.20 12.75
CA ALA A 178 -1.09 -19.87 11.36
C ALA A 178 -2.56 -20.08 11.07
N VAL A 179 -3.16 -19.12 10.37
CA VAL A 179 -4.57 -19.20 9.97
C VAL A 179 -4.76 -18.76 8.53
N ALA A 180 -5.77 -19.32 7.86
CA ALA A 180 -6.07 -18.90 6.49
C ALA A 180 -7.53 -19.09 6.15
N CYS A 181 -7.99 -18.27 5.20
CA CYS A 181 -9.28 -18.43 4.58
C CYS A 181 -9.05 -19.05 3.20
N PHE A 182 -9.71 -20.20 2.97
CA PHE A 182 -9.61 -20.93 1.71
C PHE A 182 -10.81 -20.63 0.82
N GLY A 183 -10.61 -20.72 -0.48
CA GLY A 183 -11.69 -20.54 -1.48
C GLY A 183 -11.65 -19.21 -2.20
N VAL A 184 -10.87 -18.26 -1.67
CA VAL A 184 -10.83 -16.89 -2.21
C VAL A 184 -10.34 -16.83 -3.64
N GLU A 185 -9.20 -17.48 -3.91
CA GLU A 185 -8.61 -17.47 -5.25
C GLU A 185 -9.55 -18.11 -6.28
N GLU A 186 -10.19 -19.20 -5.88
CA GLU A 186 -11.10 -19.92 -6.74
C GLU A 186 -12.37 -19.11 -7.05
N LEU A 187 -12.93 -18.48 -6.04
CA LEU A 187 -14.13 -17.67 -6.25
C LEU A 187 -13.85 -16.42 -7.08
N SER A 188 -12.72 -15.77 -6.80
CA SER A 188 -12.30 -14.58 -7.55
CA SER A 188 -12.32 -14.58 -7.55
C SER A 188 -12.14 -14.89 -9.03
N LYS A 189 -11.50 -16.02 -9.34
CA LYS A 189 -11.31 -16.43 -10.73
C LYS A 189 -12.64 -16.70 -11.41
N ALA A 190 -13.54 -17.39 -10.70
CA ALA A 190 -14.87 -17.67 -11.21
C ALA A 190 -15.66 -16.39 -11.49
N TYR A 191 -15.58 -15.43 -10.57
CA TYR A 191 -16.25 -14.13 -10.79
C TYR A 191 -15.70 -13.43 -12.02
N GLU A 192 -14.37 -13.43 -12.15
CA GLU A 192 -13.72 -12.79 -13.29
C GLU A 192 -14.08 -13.46 -14.61
N ASP A 193 -14.10 -14.80 -14.62
CA ASP A 193 -14.52 -15.57 -15.80
C ASP A 193 -15.92 -15.18 -16.25
N ASP A 194 -16.74 -14.75 -15.30
CA ASP A 194 -18.13 -14.39 -15.55
C ASP A 194 -18.24 -12.90 -15.89
N GLY A 195 -17.11 -12.21 -15.91
CA GLY A 195 -17.05 -10.78 -16.23
C GLY A 195 -17.36 -9.86 -15.07
N ASP A 196 -17.36 -10.42 -13.85
CA ASP A 196 -17.77 -9.70 -12.65
C ASP A 196 -16.56 -9.30 -11.81
N ASP A 197 -15.88 -8.23 -12.23
CA ASP A 197 -14.71 -7.73 -11.52
C ASP A 197 -15.07 -7.21 -10.13
N TYR A 198 -16.23 -6.59 -10.03
CA TYR A 198 -16.73 -6.06 -8.75
C TYR A 198 -16.73 -7.15 -7.68
N SER A 199 -17.36 -8.29 -7.98
CA SER A 199 -17.42 -9.41 -7.02
C SER A 199 -16.05 -10.02 -6.75
N SER A 200 -15.18 -10.05 -7.78
CA SER A 200 -13.82 -10.55 -7.59
C SER A 200 -13.05 -9.69 -6.57
N ILE A 201 -13.11 -8.37 -6.75
CA ILE A 201 -12.50 -7.44 -5.80
C ILE A 201 -13.09 -7.66 -4.41
N MET A 202 -14.41 -7.79 -4.36
CA MET A 202 -15.14 -7.97 -3.10
C MET A 202 -14.70 -9.22 -2.36
N VAL A 203 -14.65 -10.37 -3.05
CA VAL A 203 -14.30 -11.61 -2.36
C VAL A 203 -12.84 -11.60 -1.90
N LYS A 204 -11.95 -11.00 -2.69
CA LYS A 204 -10.56 -10.87 -2.28
C LYS A 204 -10.46 -10.02 -1.02
N ALA A 205 -11.19 -8.90 -0.98
CA ALA A 205 -11.15 -8.01 0.17
C ALA A 205 -11.71 -8.71 1.41
N LEU A 206 -12.81 -9.44 1.23
CA LEU A 206 -13.44 -10.18 2.32
C LEU A 206 -12.57 -11.30 2.85
N GLY A 207 -11.87 -12.00 1.94
CA GLY A 207 -10.93 -13.05 2.36
C GLY A 207 -9.85 -12.52 3.27
N ASP A 208 -9.28 -11.38 2.90
CA ASP A 208 -8.29 -10.69 3.73
C ASP A 208 -8.87 -10.29 5.08
N ARG A 209 -10.10 -9.77 5.09
CA ARG A 209 -10.76 -9.38 6.34
C ARG A 209 -10.99 -10.59 7.26
N LEU A 210 -11.40 -11.72 6.66
CA LEU A 210 -11.68 -12.93 7.43
C LEU A 210 -10.42 -13.56 8.04
N ALA A 211 -9.35 -13.58 7.26
CA ALA A 211 -8.08 -14.08 7.78
C ALA A 211 -7.59 -13.24 8.95
N GLU A 212 -7.67 -11.92 8.82
CA GLU A 212 -7.23 -11.02 9.88
C GLU A 212 -8.15 -11.13 11.10
N ALA A 213 -9.44 -11.30 10.86
CA ALA A 213 -10.41 -11.50 11.95
C ALA A 213 -10.11 -12.79 12.72
N PHE A 214 -9.76 -13.84 11.97
CA PHE A 214 -9.36 -15.12 12.54
C PHE A 214 -8.12 -14.92 13.43
N ALA A 215 -7.11 -14.23 12.92
CA ALA A 215 -5.92 -13.94 13.72
C ALA A 215 -6.27 -13.19 15.02
N GLU A 216 -7.18 -12.22 14.90
CA GLU A 216 -7.56 -11.41 16.07
C GLU A 216 -8.35 -12.22 17.09
N GLU A 217 -9.37 -12.92 16.61
CA GLU A 217 -10.19 -13.75 17.51
C GLU A 217 -9.37 -14.85 18.17
N LEU A 218 -8.52 -15.51 17.39
CA LEU A 218 -7.68 -16.59 17.92
C LEU A 218 -6.68 -16.08 18.95
N HIS A 219 -6.13 -14.88 18.72
CA HIS A 219 -5.22 -14.28 19.70
C HIS A 219 -5.97 -14.05 21.02
N GLU A 220 -7.21 -13.60 20.93
N GLU A 220 -7.22 -13.62 20.93
CA GLU A 220 -8.03 -13.37 22.13
CA GLU A 220 -8.04 -13.46 22.14
C GLU A 220 -8.34 -14.71 22.81
C GLU A 220 -8.19 -14.80 22.87
N ARG A 221 -8.56 -15.74 21.99
N ARG A 221 -8.62 -15.82 22.14
CA ARG A 221 -8.80 -17.08 22.50
CA ARG A 221 -8.73 -17.15 22.72
C ARG A 221 -7.54 -17.64 23.16
C ARG A 221 -7.42 -17.54 23.38
N VAL A 222 -6.38 -17.22 22.67
N VAL A 222 -6.32 -17.34 22.68
CA VAL A 222 -5.11 -17.68 23.23
CA VAL A 222 -5.02 -17.68 23.22
C VAL A 222 -4.84 -17.01 24.58
C VAL A 222 -4.80 -17.00 24.58
N ARG A 223 -5.04 -15.70 24.63
N ARG A 223 -5.03 -15.70 24.63
CA ARG A 223 -4.83 -14.93 25.87
C ARG A 223 -5.74 -15.41 27.00
N ARG A 224 -6.99 -15.73 26.67
CA ARG A 224 -8.00 -15.99 27.70
C ARG A 224 -8.23 -17.46 28.03
N GLU A 225 -8.01 -18.33 27.04
CA GLU A 225 -8.39 -19.74 27.15
C GLU A 225 -7.24 -20.71 26.94
N LEU A 226 -6.61 -20.64 25.77
CA LEU A 226 -5.63 -21.64 25.37
C LEU A 226 -4.31 -21.51 26.15
N TRP A 227 -3.80 -20.28 26.23
CA TRP A 227 -2.68 -19.96 27.13
C TRP A 227 -3.24 -19.54 28.49
N ALA A 228 -4.27 -18.70 28.46
CA ALA A 228 -4.99 -18.28 29.67
C ALA A 228 -4.12 -17.50 30.65
N TYR A 229 -3.23 -16.67 30.12
CA TYR A 229 -2.47 -15.75 30.97
C TYR A 229 -3.27 -14.49 31.31
N CYS A 230 -4.40 -14.34 30.64
CA CYS A 230 -5.34 -13.25 30.94
C CYS A 230 -6.78 -13.77 30.81
N GLY A 231 -7.13 -14.74 31.65
CA GLY A 231 -8.45 -15.35 31.65
C GLY A 231 -9.58 -14.37 31.95
N SER A 232 -9.27 -13.29 32.64
CA SER A 232 -10.26 -12.30 33.05
C SER A 232 -10.44 -11.16 32.03
N GLU A 233 -9.68 -11.22 30.95
CA GLU A 233 -9.75 -10.20 29.89
C GLU A 233 -11.16 -10.11 29.32
N GLN A 234 -11.66 -8.88 29.21
CA GLN A 234 -12.95 -8.60 28.60
C GLN A 234 -12.87 -7.27 27.84
N LEU A 235 -12.38 -7.34 26.62
CA LEU A 235 -12.20 -6.15 25.78
C LEU A 235 -13.08 -6.19 24.55
N ASP A 236 -13.52 -5.01 24.11
CA ASP A 236 -14.27 -4.87 22.86
C ASP A 236 -13.34 -4.96 21.65
N VAL A 237 -13.92 -5.24 20.48
CA VAL A 237 -13.14 -5.40 19.25
C VAL A 237 -12.34 -4.14 18.91
N ALA A 238 -12.90 -2.97 19.22
CA ALA A 238 -12.22 -1.68 19.01
C ALA A 238 -10.98 -1.55 19.89
N ASP A 239 -11.05 -2.07 21.12
CA ASP A 239 -9.90 -2.08 22.02
C ASP A 239 -8.81 -3.05 21.56
N LEU A 240 -9.22 -4.14 20.91
CA LEU A 240 -8.29 -5.11 20.35
C LEU A 240 -7.46 -4.50 19.22
N ARG A 241 -8.11 -3.67 18.39
CA ARG A 241 -7.43 -2.95 17.32
C ARG A 241 -6.40 -1.95 17.85
N ARG A 242 -6.69 -1.36 19.01
CA ARG A 242 -5.81 -0.37 19.64
C ARG A 242 -4.69 -1.02 20.48
N LEU A 243 -4.62 -2.35 20.46
CA LEU A 243 -3.66 -3.12 21.25
C LEU A 243 -3.75 -2.84 22.75
N ARG A 244 -4.98 -2.79 23.27
CA ARG A 244 -5.22 -2.56 24.69
C ARG A 244 -4.90 -3.81 25.53
N TYR A 245 -4.73 -4.93 24.86
CA TYR A 245 -4.40 -6.20 25.52
C TYR A 245 -2.89 -6.37 25.70
N LYS A 246 -2.53 -7.42 26.40
CA LYS A 246 -1.13 -7.65 26.74
C LYS A 246 -0.59 -8.85 25.99
N GLY A 247 0.70 -8.74 25.65
CA GLY A 247 1.36 -9.74 24.83
C GLY A 247 1.26 -9.36 23.37
N ILE A 248 2.07 -10.00 22.54
CA ILE A 248 2.17 -9.66 21.14
C ILE A 248 2.18 -10.92 20.27
N ARG A 249 1.93 -10.73 18.97
CA ARG A 249 1.90 -11.85 18.01
C ARG A 249 2.71 -11.58 16.72
N PRO A 250 4.00 -11.20 16.86
CA PRO A 250 4.77 -10.79 15.70
C PRO A 250 5.09 -11.93 14.72
N ALA A 251 4.98 -11.64 13.42
CA ALA A 251 5.30 -12.62 12.38
C ALA A 251 6.67 -12.39 11.79
N PRO A 252 7.38 -13.47 11.41
CA PRO A 252 8.62 -13.30 10.67
C PRO A 252 8.41 -12.43 9.43
N GLY A 253 9.38 -11.55 9.16
CA GLY A 253 9.32 -10.66 8.01
C GLY A 253 8.86 -9.25 8.38
N TYR A 254 8.11 -9.14 9.47
CA TYR A 254 7.70 -7.83 9.98
C TYR A 254 8.86 -7.16 10.72
N PRO A 255 8.76 -5.85 10.99
CA PRO A 255 9.91 -5.09 11.49
C PRO A 255 10.59 -5.59 12.77
N SER A 256 9.87 -6.32 13.60
CA SER A 256 10.41 -6.88 14.85
C SER A 256 11.40 -8.03 14.64
N GLN A 257 11.33 -8.67 13.47
CA GLN A 257 12.27 -9.72 13.07
C GLN A 257 12.09 -9.93 11.57
N PRO A 258 12.74 -9.09 10.75
CA PRO A 258 12.58 -9.11 9.28
C PRO A 258 12.98 -10.38 8.52
N ASP A 259 13.55 -11.39 9.19
CA ASP A 259 13.95 -12.62 8.50
C ASP A 259 12.77 -13.56 8.21
N HIS A 260 12.29 -13.53 6.96
CA HIS A 260 11.19 -14.39 6.54
C HIS A 260 11.47 -15.89 6.70
N THR A 261 12.74 -16.29 6.68
CA THR A 261 13.07 -17.72 6.75
C THR A 261 12.74 -18.34 8.10
N GLU A 262 12.45 -17.51 9.10
CA GLU A 262 12.01 -18.03 10.38
C GLU A 262 10.66 -18.76 10.27
N LYS A 263 9.88 -18.42 9.24
CA LYS A 263 8.65 -19.16 8.92
C LYS A 263 8.90 -20.65 8.67
N LEU A 264 10.06 -20.98 8.11
CA LEU A 264 10.41 -22.37 7.86
C LEU A 264 10.40 -23.19 9.15
N THR A 265 10.94 -22.60 10.21
CA THR A 265 10.94 -23.24 11.51
C THR A 265 9.54 -23.42 12.08
N MET A 266 8.72 -22.38 11.93
CA MET A 266 7.32 -22.46 12.37
C MET A 266 6.63 -23.60 11.65
N TRP A 267 6.82 -23.67 10.34
CA TRP A 267 6.13 -24.68 9.53
C TRP A 267 6.59 -26.10 9.86
N ARG A 268 7.87 -26.26 10.15
CA ARG A 268 8.41 -27.56 10.51
C ARG A 268 7.91 -28.00 11.90
N LEU A 269 8.12 -27.14 12.89
CA LEU A 269 7.80 -27.45 14.28
C LEU A 269 6.32 -27.79 14.47
N ALA A 270 5.44 -26.99 13.89
CA ALA A 270 4.01 -27.19 14.07
C ALA A 270 3.35 -28.01 12.95
N ASP A 271 4.17 -28.55 12.04
CA ASP A 271 3.66 -29.39 10.94
C ASP A 271 2.49 -28.68 10.23
N ILE A 272 2.71 -27.41 9.92
CA ILE A 272 1.61 -26.53 9.51
C ILE A 272 0.97 -26.94 8.19
N GLU A 273 1.78 -27.25 7.18
CA GLU A 273 1.23 -27.62 5.88
C GLU A 273 0.36 -28.87 5.93
N GLN A 274 0.85 -29.93 6.57
CA GLN A 274 0.07 -31.17 6.65
C GLN A 274 -1.14 -31.06 7.56
N SER A 275 -1.11 -30.10 8.49
CA SER A 275 -2.19 -29.92 9.45
C SER A 275 -3.30 -29.01 8.92
N THR A 276 -2.93 -28.04 8.09
CA THR A 276 -3.87 -26.97 7.70
C THR A 276 -3.96 -26.72 6.20
N GLY A 277 -3.00 -27.25 5.44
CA GLY A 277 -2.92 -26.99 4.00
C GLY A 277 -2.34 -25.63 3.66
N ILE A 278 -1.99 -24.84 4.68
CA ILE A 278 -1.34 -23.56 4.44
C ILE A 278 0.11 -23.83 4.08
N ARG A 279 0.52 -23.38 2.89
CA ARG A 279 1.85 -23.64 2.34
C ARG A 279 2.74 -22.42 2.39
N LEU A 280 4.06 -22.65 2.38
CA LEU A 280 5.00 -21.57 2.13
C LEU A 280 5.48 -21.67 0.69
N THR A 281 5.40 -20.56 -0.02
CA THR A 281 5.84 -20.50 -1.42
C THR A 281 7.37 -20.37 -1.46
N GLU A 282 7.94 -20.30 -2.66
CA GLU A 282 9.40 -20.17 -2.80
C GLU A 282 9.94 -18.85 -2.23
N SER A 283 9.11 -17.81 -2.27
CA SER A 283 9.44 -16.50 -1.69
C SER A 283 9.07 -16.43 -0.22
N LEU A 284 8.57 -17.54 0.31
CA LEU A 284 8.14 -17.67 1.70
C LEU A 284 6.88 -16.88 2.04
N ALA A 285 6.11 -16.53 1.01
CA ALA A 285 4.74 -16.05 1.18
C ALA A 285 3.88 -17.23 1.59
N MET A 286 2.80 -16.95 2.33
CA MET A 286 1.83 -17.98 2.64
C MET A 286 0.87 -18.19 1.46
N ALA A 287 0.47 -19.44 1.27
CA ALA A 287 -0.58 -19.80 0.31
C ALA A 287 -1.63 -20.68 1.02
N PRO A 288 -2.92 -20.28 0.98
CA PRO A 288 -3.50 -19.14 0.27
C PRO A 288 -3.05 -17.78 0.77
N ALA A 289 -3.18 -16.75 -0.07
CA ALA A 289 -2.71 -15.41 0.27
C ALA A 289 -3.45 -14.79 1.44
N SER A 290 -4.72 -15.17 1.62
CA SER A 290 -5.53 -14.70 2.75
C SER A 290 -5.15 -15.51 3.98
N ALA A 291 -4.02 -15.15 4.57
CA ALA A 291 -3.42 -15.93 5.64
C ALA A 291 -2.62 -15.03 6.55
N VAL A 292 -2.51 -15.44 7.82
CA VAL A 292 -1.77 -14.70 8.82
C VAL A 292 -1.06 -15.70 9.72
N SER A 293 0.14 -15.36 10.18
CA SER A 293 0.86 -16.24 11.10
C SER A 293 1.60 -15.39 12.13
N GLY A 294 2.19 -16.04 13.12
CA GLY A 294 2.95 -15.30 14.13
C GLY A 294 3.42 -16.13 15.30
N LEU A 295 4.31 -15.53 16.08
CA LEU A 295 4.74 -16.07 17.35
C LEU A 295 4.01 -15.35 18.47
N TYR A 296 3.57 -16.08 19.49
CA TYR A 296 2.88 -15.46 20.63
C TYR A 296 3.85 -15.28 21.79
N PHE A 297 3.96 -14.03 22.26
CA PHE A 297 4.69 -13.70 23.49
C PHE A 297 3.67 -13.26 24.55
N SER A 298 3.79 -13.80 25.75
CA SER A 298 2.82 -13.53 26.83
C SER A 298 3.23 -12.42 27.79
N ASN A 299 4.51 -12.08 27.82
CA ASN A 299 4.97 -11.15 28.84
C ASN A 299 4.30 -9.80 28.61
C ASN A 299 4.30 -9.78 28.75
N LEU A 300 3.79 -9.21 29.69
N LEU A 300 3.81 -9.30 29.89
CA LEU A 300 3.04 -7.97 29.57
CA LEU A 300 3.17 -8.00 30.00
C LEU A 300 3.94 -6.80 29.19
C LEU A 300 3.98 -6.91 29.29
N LYS A 301 5.26 -7.00 29.33
N LYS A 301 5.29 -7.03 29.38
CA LYS A 301 6.22 -5.99 28.92
C LYS A 301 6.69 -6.21 27.46
N SER A 302 6.22 -7.27 26.81
CA SER A 302 6.51 -7.44 25.39
C SER A 302 5.84 -6.33 24.59
N LYS A 303 6.50 -5.91 23.51
CA LYS A 303 5.97 -4.87 22.64
C LYS A 303 6.56 -5.05 21.26
N TYR A 304 5.83 -4.57 20.25
CA TYR A 304 6.34 -4.49 18.90
C TYR A 304 7.36 -3.36 18.82
N PHE A 305 8.33 -3.54 17.94
CA PHE A 305 9.36 -2.54 17.70
C PHE A 305 9.96 -2.89 16.34
N ALA A 306 10.69 -1.94 15.77
CA ALA A 306 11.43 -2.18 14.54
C ALA A 306 12.89 -2.39 14.88
N VAL A 307 13.45 -3.51 14.42
CA VAL A 307 14.88 -3.77 14.58
C VAL A 307 15.67 -2.61 13.99
N GLY A 308 15.28 -2.17 12.79
CA GLY A 308 15.99 -1.10 12.09
C GLY A 308 17.27 -1.65 11.49
N LYS A 309 18.11 -0.75 11.00
CA LYS A 309 19.30 -1.18 10.27
C LYS A 309 20.35 -1.74 11.21
N ILE A 310 21.06 -2.76 10.73
CA ILE A 310 22.05 -3.48 11.53
C ILE A 310 23.41 -3.47 10.85
N SER A 311 24.46 -3.71 11.64
CA SER A 311 25.83 -3.70 11.14
C SER A 311 26.30 -5.08 10.69
N LYS A 312 27.43 -5.11 9.98
CA LYS A 312 28.03 -6.35 9.51
C LYS A 312 28.35 -7.33 10.64
N ASP A 313 28.75 -6.82 11.81
CA ASP A 313 29.05 -7.69 12.94
C ASP A 313 27.85 -8.56 13.34
N GLN A 314 26.66 -7.96 13.35
CA GLN A 314 25.45 -8.72 13.66
C GLN A 314 25.08 -9.71 12.55
N VAL A 315 25.24 -9.29 11.29
CA VAL A 315 25.00 -10.18 10.15
C VAL A 315 25.91 -11.41 10.24
N GLU A 316 27.19 -11.18 10.51
CA GLU A 316 28.14 -12.28 10.65
C GLU A 316 27.80 -13.21 11.81
N ASP A 317 27.39 -12.62 12.94
CA ASP A 317 27.05 -13.39 14.12
C ASP A 317 25.79 -14.23 13.89
N TYR A 318 24.79 -13.61 13.27
CA TYR A 318 23.53 -14.26 12.93
C TYR A 318 23.76 -15.44 11.98
N ALA A 319 24.61 -15.22 10.97
CA ALA A 319 24.97 -16.29 10.02
C ALA A 319 25.55 -17.50 10.73
N LEU A 320 26.43 -17.26 11.71
CA LEU A 320 27.03 -18.35 12.48
C LEU A 320 26.01 -19.09 13.33
N ARG A 321 25.10 -18.34 13.94
CA ARG A 321 24.05 -18.93 14.78
C ARG A 321 23.09 -19.80 13.98
N LYS A 322 22.71 -19.33 12.80
CA LYS A 322 21.77 -20.06 11.94
C LYS A 322 22.43 -21.09 11.03
N ASN A 323 23.77 -21.11 11.02
CA ASN A 323 24.56 -21.99 10.16
C ASN A 323 24.22 -21.80 8.67
N ILE A 324 24.16 -20.54 8.27
CA ILE A 324 23.99 -20.15 6.87
C ILE A 324 25.08 -19.13 6.51
N SER A 325 25.25 -18.88 5.22
CA SER A 325 26.28 -17.96 4.75
C SER A 325 25.89 -16.50 4.98
N VAL A 326 26.90 -15.63 5.07
CA VAL A 326 26.69 -14.18 5.15
C VAL A 326 25.89 -13.69 3.94
N ALA A 327 26.23 -14.19 2.76
CA ALA A 327 25.49 -13.87 1.54
C ALA A 327 24.00 -14.25 1.67
N GLU A 328 23.72 -15.39 2.30
CA GLU A 328 22.36 -15.84 2.54
C GLU A 328 21.62 -14.89 3.50
N VAL A 329 22.26 -14.56 4.62
CA VAL A 329 21.69 -13.57 5.56
C VAL A 329 21.44 -12.23 4.86
N GLU A 330 22.39 -11.79 4.04
CA GLU A 330 22.27 -10.52 3.33
C GLU A 330 21.16 -10.51 2.29
N LYS A 331 20.85 -11.68 1.72
CA LYS A 331 19.71 -11.83 0.83
C LYS A 331 18.41 -11.52 1.57
N TRP A 332 18.22 -12.19 2.71
CA TRP A 332 16.97 -12.09 3.45
C TRP A 332 16.84 -10.83 4.30
N LEU A 333 17.97 -10.23 4.66
CA LEU A 333 17.94 -9.01 5.49
C LEU A 333 18.31 -7.74 4.70
N GLY A 334 18.37 -7.87 3.37
CA GLY A 334 18.69 -6.76 2.49
C GLY A 334 18.23 -5.37 2.94
N PRO A 335 16.90 -5.18 3.12
CA PRO A 335 16.37 -3.86 3.47
C PRO A 335 16.87 -3.28 4.79
N ILE A 336 17.38 -4.12 5.70
CA ILE A 336 17.89 -3.62 6.98
C ILE A 336 19.41 -3.65 7.13
N LEU A 337 20.13 -3.79 6.03
CA LEU A 337 21.59 -3.73 6.10
C LEU A 337 22.03 -2.28 6.24
N GLY A 338 22.79 -2.00 7.29
CA GLY A 338 23.26 -0.65 7.58
C GLY A 338 24.60 -0.35 6.95
N TYR A 339 24.97 -1.13 5.95
CA TYR A 339 26.25 -0.98 5.26
C TYR A 339 26.09 -1.34 3.78
N ASP A 340 27.10 -1.01 2.98
CA ASP A 340 27.08 -1.31 1.54
C ASP A 340 27.65 -2.70 1.27
N GLU B 3 -14.22 -19.04 -18.80
CA GLU B 3 -14.08 -18.61 -20.22
C GLU B 3 -14.54 -17.16 -20.43
N ARG B 4 -13.69 -16.23 -20.00
CA ARG B 4 -14.03 -14.81 -20.02
C ARG B 4 -14.22 -14.23 -21.42
N ARG B 5 -15.30 -13.48 -21.60
CA ARG B 5 -15.66 -12.90 -22.90
C ARG B 5 -15.14 -11.48 -23.08
N TYR B 6 -14.57 -11.23 -24.26
CA TYR B 6 -14.13 -9.90 -24.66
C TYR B 6 -14.81 -9.54 -25.98
N LEU B 7 -15.24 -8.29 -26.10
CA LEU B 7 -15.80 -7.80 -27.35
C LEU B 7 -14.68 -7.51 -28.34
N PRO B 8 -14.86 -7.89 -29.62
CA PRO B 8 -13.91 -7.47 -30.65
C PRO B 8 -13.74 -5.96 -30.65
N LEU B 9 -12.53 -5.49 -30.94
CA LEU B 9 -12.23 -4.05 -30.89
C LEU B 9 -13.22 -3.19 -31.67
N SER B 10 -13.56 -3.61 -32.88
CA SER B 10 -14.51 -2.85 -33.71
C SER B 10 -15.86 -2.69 -33.04
N GLN B 11 -16.32 -3.73 -32.35
CA GLN B 11 -17.59 -3.69 -31.61
C GLN B 11 -17.52 -2.83 -30.35
N ALA B 12 -16.41 -2.96 -29.60
CA ALA B 12 -16.18 -2.10 -28.44
C ALA B 12 -16.19 -0.62 -28.84
N ARG B 13 -15.62 -0.31 -30.00
CA ARG B 13 -15.61 1.04 -30.53
C ARG B 13 -17.00 1.53 -30.92
N LYS B 14 -17.79 0.65 -31.54
CA LYS B 14 -19.17 0.99 -31.90
C LYS B 14 -20.03 1.30 -30.67
N SER B 15 -19.71 0.64 -29.55
CA SER B 15 -20.40 0.86 -28.28
C SER B 15 -19.60 1.75 -27.32
N GLY B 16 -18.72 2.57 -27.89
CA GLY B 16 -17.96 3.54 -27.10
C GLY B 16 -18.83 4.63 -26.51
N PHE B 17 -18.29 5.37 -25.55
CA PHE B 17 -19.03 6.49 -24.97
C PHE B 17 -19.21 7.58 -26.01
N GLN B 18 -20.46 7.89 -26.33
CA GLN B 18 -20.81 8.87 -27.34
C GLN B 18 -21.31 10.16 -26.70
N MET B 19 -20.56 11.23 -26.91
CA MET B 19 -20.83 12.53 -26.30
C MET B 19 -21.99 13.28 -26.92
N ASP B 20 -22.21 13.10 -28.22
CA ASP B 20 -23.16 13.92 -29.01
C ASP B 20 -22.77 15.40 -28.92
N TRP B 21 -21.81 15.78 -29.76
CA TRP B 21 -21.06 17.03 -29.59
C TRP B 21 -21.80 18.32 -29.93
N LEU B 22 -22.87 18.20 -30.70
CA LEU B 22 -23.65 19.35 -31.14
C LEU B 22 -24.42 20.01 -30.00
N SER B 23 -24.88 19.21 -29.06
CA SER B 23 -25.73 19.70 -27.96
C SER B 23 -24.94 20.05 -26.69
N GLU B 24 -23.74 19.48 -26.56
CA GLU B 24 -22.90 19.72 -25.38
C GLU B 24 -22.30 21.11 -25.40
N PRO B 25 -21.97 21.66 -24.20
CA PRO B 25 -21.27 22.95 -24.15
C PRO B 25 -19.92 22.84 -24.84
N HIS B 26 -19.62 23.79 -25.73
CA HIS B 26 -18.37 23.78 -26.47
C HIS B 26 -17.18 23.94 -25.53
N PRO B 27 -16.09 23.21 -25.80
CA PRO B 27 -14.87 23.38 -25.02
C PRO B 27 -14.40 24.83 -25.02
N VAL B 28 -13.88 25.26 -23.88
CA VAL B 28 -13.38 26.61 -23.68
C VAL B 28 -11.91 26.63 -24.07
N LYS B 29 -11.51 27.65 -24.83
CA LYS B 29 -10.09 27.81 -25.14
C LYS B 29 -9.37 28.31 -23.89
N PRO B 30 -8.30 27.61 -23.46
CA PRO B 30 -7.52 28.08 -22.31
C PRO B 30 -6.90 29.46 -22.54
N THR B 31 -6.48 30.08 -21.44
CA THR B 31 -5.96 31.46 -21.49
C THR B 31 -4.61 31.58 -22.20
N PHE B 32 -3.92 30.46 -22.34
CA PHE B 32 -2.71 30.39 -23.17
C PHE B 32 -2.56 29.00 -23.80
N ILE B 33 -1.79 28.95 -24.88
CA ILE B 33 -1.41 27.70 -25.52
C ILE B 33 0.10 27.55 -25.37
N GLY B 34 0.55 26.36 -25.00
CA GLY B 34 1.94 26.16 -24.65
C GLY B 34 2.03 25.93 -23.15
N THR B 35 3.18 26.25 -22.56
CA THR B 35 3.41 25.96 -21.14
C THR B 35 3.59 27.21 -20.29
N GLN B 36 3.24 27.08 -19.01
CA GLN B 36 3.60 28.04 -18.00
C GLN B 36 4.36 27.28 -16.92
N VAL B 37 5.52 27.80 -16.56
CA VAL B 37 6.42 27.16 -15.62
C VAL B 37 6.33 27.85 -14.27
N PHE B 38 6.31 27.03 -13.21
CA PHE B 38 6.38 27.52 -11.84
C PHE B 38 7.73 27.15 -11.26
N GLU B 39 8.59 28.17 -11.12
CA GLU B 39 9.95 28.00 -10.63
C GLU B 39 9.96 27.84 -9.11
N GLU B 40 8.88 28.30 -8.49
CA GLU B 40 8.66 28.22 -7.05
C GLU B 40 7.13 28.16 -6.87
N TYR B 41 6.68 27.74 -5.69
CA TYR B 41 5.25 27.75 -5.40
C TYR B 41 5.03 27.99 -3.92
N ASP B 42 3.88 28.57 -3.61
CA ASP B 42 3.49 28.94 -2.24
C ASP B 42 3.17 27.69 -1.43
N LEU B 43 4.19 27.15 -0.75
CA LEU B 43 4.02 25.94 0.03
C LEU B 43 3.03 26.10 1.19
N GLN B 44 3.02 27.28 1.80
CA GLN B 44 2.10 27.54 2.90
C GLN B 44 0.64 27.44 2.45
N LYS B 45 0.36 27.96 1.26
CA LYS B 45 -0.98 27.88 0.69
C LYS B 45 -1.39 26.43 0.50
N LEU B 46 -0.42 25.60 0.10
CA LEU B 46 -0.69 24.18 -0.15
C LEU B 46 -1.06 23.39 1.09
N VAL B 47 -0.60 23.84 2.26
CA VAL B 47 -0.92 23.15 3.51
C VAL B 47 -2.43 22.98 3.70
N ASP B 48 -3.22 24.01 3.33
CA ASP B 48 -4.68 23.94 3.45
C ASP B 48 -5.33 22.90 2.52
N TYR B 49 -4.59 22.49 1.50
CA TYR B 49 -5.10 21.53 0.52
C TYR B 49 -4.67 20.11 0.80
N ILE B 50 -3.92 19.91 1.89
CA ILE B 50 -3.43 18.57 2.22
C ILE B 50 -4.59 17.61 2.53
N ASP B 51 -4.50 16.42 1.96
CA ASP B 51 -5.36 15.28 2.29
C ASP B 51 -4.61 14.49 3.37
N TRP B 52 -5.07 14.62 4.61
CA TRP B 52 -4.32 14.07 5.75
C TRP B 52 -4.48 12.57 5.94
N LYS B 53 -5.50 11.97 5.34
CA LYS B 53 -5.78 10.54 5.54
C LYS B 53 -4.55 9.65 5.28
N PRO B 54 -3.93 9.74 4.08
CA PRO B 54 -2.76 8.92 3.81
C PRO B 54 -1.59 9.16 4.77
N PHE B 55 -1.47 10.39 5.28
CA PHE B 55 -0.45 10.71 6.28
C PHE B 55 -0.70 9.93 7.57
N PHE B 56 -1.95 9.94 8.04
CA PHE B 56 -2.29 9.17 9.24
C PHE B 56 -2.16 7.66 9.03
N ASP B 57 -2.41 7.21 7.80
CA ASP B 57 -2.21 5.80 7.45
C ASP B 57 -0.74 5.40 7.57
N VAL B 58 0.16 6.26 7.09
CA VAL B 58 1.61 6.00 7.22
C VAL B 58 1.97 5.82 8.68
N TRP B 59 1.48 6.71 9.54
CA TRP B 59 1.84 6.67 10.95
C TRP B 59 1.19 5.55 11.73
N GLN B 60 0.04 5.08 11.27
CA GLN B 60 -0.56 3.88 11.86
C GLN B 60 0.32 2.67 11.59
N LEU B 61 0.81 2.57 10.36
CA LEU B 61 1.65 1.48 9.91
C LEU B 61 3.01 1.49 10.60
N ARG B 62 3.68 2.64 10.61
CA ARG B 62 5.00 2.76 11.22
C ARG B 62 4.94 2.75 12.74
N GLY B 63 3.91 3.37 13.30
CA GLY B 63 3.76 3.50 14.75
C GLY B 63 3.61 2.17 15.49
N LYS B 64 3.10 1.16 14.81
CA LYS B 64 2.95 -0.16 15.43
C LYS B 64 4.32 -0.74 15.78
N TYR B 65 5.30 -0.50 14.92
CA TYR B 65 6.66 -0.99 15.14
C TYR B 65 7.62 0.19 15.19
N PRO B 66 7.65 0.92 16.32
CA PRO B 66 8.50 2.11 16.37
C PRO B 66 9.98 1.79 16.28
N ASN B 67 10.72 2.62 15.56
CA ASN B 67 12.17 2.54 15.58
C ASN B 67 12.68 3.08 16.89
N ARG B 68 13.88 2.66 17.27
CA ARG B 68 14.53 3.31 18.41
C ARG B 68 14.64 4.81 18.13
N GLY B 69 14.34 5.63 19.13
CA GLY B 69 14.45 7.07 18.98
C GLY B 69 13.13 7.81 18.76
N PHE B 70 12.05 7.06 18.58
CA PHE B 70 10.72 7.65 18.43
C PHE B 70 10.32 8.41 19.70
N PRO B 71 9.41 9.41 19.58
CA PRO B 71 8.88 10.09 20.76
C PRO B 71 8.35 9.09 21.79
N LYS B 72 8.45 9.46 23.07
CA LYS B 72 8.11 8.55 24.18
C LYS B 72 6.66 8.07 24.19
N ILE B 73 5.76 8.81 23.55
CA ILE B 73 4.34 8.45 23.53
C ILE B 73 4.03 7.15 22.78
N PHE B 74 4.93 6.74 21.89
CA PHE B 74 4.74 5.51 21.11
C PHE B 74 4.84 4.26 21.98
N ASN B 75 5.38 4.42 23.18
CA ASN B 75 5.52 3.33 24.15
C ASN B 75 4.38 3.23 25.15
N ASP B 76 3.29 3.97 24.91
CA ASP B 76 2.17 4.05 25.85
C ASP B 76 0.96 3.21 25.43
N LYS B 77 -0.16 3.40 26.14
CA LYS B 77 -1.41 2.68 25.87
C LYS B 77 -2.04 3.14 24.56
N GLY B 80 -4.87 7.65 20.78
CA GLY B 80 -5.08 9.10 20.68
C GLY B 80 -3.79 9.89 20.82
N GLY B 81 -2.90 9.40 21.69
CA GLY B 81 -1.62 10.05 21.97
C GLY B 81 -0.70 10.17 20.77
N GLU B 82 -0.63 9.11 19.96
CA GLU B 82 0.22 9.09 18.78
C GLU B 82 -0.27 10.05 17.69
N ALA B 83 -1.56 9.99 17.37
CA ALA B 83 -2.15 10.85 16.36
C ALA B 83 -1.93 12.33 16.67
N ARG B 84 -2.15 12.69 17.94
CA ARG B 84 -1.93 14.05 18.43
C ARG B 84 -0.48 14.51 18.24
N LYS B 85 0.45 13.65 18.64
CA LYS B 85 1.88 13.97 18.56
C LYS B 85 2.36 14.11 17.12
N VAL B 86 2.01 13.17 16.25
CA VAL B 86 2.48 13.21 14.86
C VAL B 86 1.87 14.38 14.07
N TYR B 87 0.66 14.79 14.45
CA TYR B 87 0.00 15.89 13.76
C TYR B 87 0.63 17.25 14.15
N ASP B 88 0.82 17.47 15.45
CA ASP B 88 1.52 18.67 15.89
C ASP B 88 2.96 18.72 15.37
N ASP B 89 3.63 17.57 15.39
CA ASP B 89 5.00 17.50 14.85
C ASP B 89 5.01 17.80 13.35
N ALA B 90 4.00 17.30 12.63
CA ALA B 90 3.87 17.58 11.20
C ALA B 90 3.73 19.08 10.93
N HIS B 91 2.84 19.74 11.66
CA HIS B 91 2.63 21.17 11.44
C HIS B 91 3.87 21.99 11.80
N ASN B 92 4.55 21.59 12.87
CA ASN B 92 5.81 22.24 13.28
C ASN B 92 6.89 22.08 12.22
N MET B 93 7.05 20.87 11.70
CA MET B 93 8.03 20.61 10.64
C MET B 93 7.68 21.38 9.36
N LEU B 94 6.42 21.36 8.96
CA LEU B 94 5.96 22.12 7.79
C LEU B 94 6.35 23.60 7.95
N ASN B 95 6.00 24.19 9.09
CA ASN B 95 6.29 25.60 9.31
C ASN B 95 7.77 25.92 9.25
N THR B 96 8.59 25.05 9.85
CA THR B 96 10.04 25.25 9.93
C THR B 96 10.68 25.06 8.55
N LEU B 97 10.33 23.97 7.87
CA LEU B 97 10.94 23.69 6.57
C LEU B 97 10.53 24.68 5.49
N ILE B 98 9.28 25.14 5.54
CA ILE B 98 8.79 26.12 4.57
C ILE B 98 9.47 27.47 4.79
N SER B 99 9.47 27.96 6.03
CA SER B 99 10.06 29.27 6.32
C SER B 99 11.55 29.31 6.02
N GLN B 100 12.24 28.21 6.25
CA GLN B 100 13.69 28.10 6.02
C GLN B 100 14.05 27.71 4.60
N LYS B 101 13.03 27.54 3.75
CA LYS B 101 13.21 27.21 2.33
C LYS B 101 14.03 25.92 2.13
N LYS B 102 13.76 24.94 2.98
CA LYS B 102 14.43 23.65 2.92
C LYS B 102 13.62 22.66 2.07
N LEU B 103 12.37 23.03 1.79
CA LEU B 103 11.58 22.39 0.75
C LEU B 103 11.22 23.45 -0.28
N ARG B 104 11.07 23.03 -1.53
CA ARG B 104 10.63 23.94 -2.59
C ARG B 104 9.88 23.17 -3.67
N ALA B 105 8.88 23.82 -4.25
CA ALA B 105 8.01 23.19 -5.22
C ALA B 105 8.24 23.78 -6.60
N ARG B 106 8.24 22.91 -7.61
CA ARG B 106 8.32 23.35 -8.99
C ARG B 106 7.26 22.61 -9.79
N GLY B 107 6.81 23.22 -10.88
CA GLY B 107 5.79 22.59 -11.71
C GLY B 107 5.63 23.23 -13.06
N VAL B 108 4.82 22.60 -13.89
CA VAL B 108 4.54 23.13 -15.21
C VAL B 108 3.12 22.73 -15.59
N VAL B 109 2.45 23.63 -16.29
CA VAL B 109 1.15 23.35 -16.88
C VAL B 109 1.25 23.70 -18.37
N GLY B 110 0.61 22.90 -19.21
CA GLY B 110 0.53 23.20 -20.63
C GLY B 110 -0.86 22.97 -21.19
N PHE B 111 -1.21 23.72 -22.24
CA PHE B 111 -2.47 23.51 -22.96
C PHE B 111 -2.26 23.55 -24.47
N TRP B 112 -2.94 22.67 -25.20
CA TRP B 112 -2.85 22.67 -26.67
C TRP B 112 -4.20 22.33 -27.30
N PRO B 113 -4.47 22.88 -28.49
CA PRO B 113 -5.57 22.38 -29.29
C PRO B 113 -5.48 20.86 -29.39
N ALA B 114 -6.63 20.20 -29.30
CA ALA B 114 -6.71 18.74 -29.28
C ALA B 114 -7.96 18.29 -29.98
N GLN B 115 -7.86 17.18 -30.72
CA GLN B 115 -9.01 16.52 -31.34
C GLN B 115 -8.80 15.02 -31.36
N SER B 116 -9.89 14.26 -31.38
CA SER B 116 -9.76 12.80 -31.42
C SER B 116 -9.90 12.21 -32.81
N ILE B 117 -9.17 11.13 -33.06
CA ILE B 117 -9.42 10.24 -34.19
C ILE B 117 -9.52 8.83 -33.63
N GLN B 118 -10.72 8.27 -33.69
CA GLN B 118 -11.07 7.02 -33.02
C GLN B 118 -10.58 6.98 -31.57
N ASP B 119 -9.60 6.14 -31.27
CA ASP B 119 -9.18 5.92 -29.89
C ASP B 119 -8.06 6.85 -29.42
N ASP B 120 -7.64 7.76 -30.29
CA ASP B 120 -6.47 8.61 -29.98
C ASP B 120 -6.79 10.09 -29.92
N ILE B 121 -5.95 10.83 -29.20
CA ILE B 121 -6.06 12.27 -29.08
C ILE B 121 -4.84 12.94 -29.69
N HIS B 122 -5.06 13.73 -30.74
CA HIS B 122 -3.99 14.49 -31.39
C HIS B 122 -3.96 15.91 -30.89
N LEU B 123 -2.76 16.44 -30.68
CA LEU B 123 -2.58 17.84 -30.33
C LEU B 123 -1.98 18.61 -31.50
N TYR B 124 -2.32 19.89 -31.59
CA TYR B 124 -1.94 20.74 -32.71
C TYR B 124 -1.38 22.07 -32.22
N ALA B 125 -0.61 22.73 -33.08
CA ALA B 125 -0.08 24.06 -32.80
C ALA B 125 -1.19 25.10 -32.64
N GLU B 126 -0.90 26.16 -31.87
CA GLU B 126 -1.86 27.21 -31.59
C GLU B 126 -2.59 27.74 -32.83
N ALA B 127 -1.84 28.01 -33.89
CA ALA B 127 -2.37 28.67 -35.08
C ALA B 127 -2.86 27.68 -36.15
N ALA B 128 -2.66 26.39 -35.88
CA ALA B 128 -2.99 25.34 -36.83
C ALA B 128 -4.50 25.22 -37.04
N VAL B 129 -4.88 24.87 -38.26
CA VAL B 129 -6.22 24.37 -38.52
C VAL B 129 -6.07 22.86 -38.42
N PRO B 130 -6.64 22.26 -37.36
CA PRO B 130 -6.40 20.84 -37.09
C PRO B 130 -6.61 19.90 -38.28
N GLN B 131 -7.66 20.11 -39.06
CA GLN B 131 -7.92 19.24 -40.22
C GLN B 131 -6.87 19.39 -41.32
N ALA B 132 -6.10 20.47 -41.28
CA ALA B 132 -5.13 20.76 -42.32
C ALA B 132 -3.68 20.53 -41.88
N ALA B 133 -3.50 20.18 -40.61
CA ALA B 133 -2.19 20.20 -39.97
C ALA B 133 -1.72 18.84 -39.50
N GLU B 134 -0.40 18.69 -39.36
CA GLU B 134 0.18 17.51 -38.75
C GLU B 134 0.20 17.73 -37.24
N PRO B 135 -0.31 16.74 -36.47
CA PRO B 135 -0.26 16.85 -35.01
C PRO B 135 1.17 17.07 -34.49
N ILE B 136 1.28 17.85 -33.42
CA ILE B 136 2.56 18.05 -32.74
C ILE B 136 2.83 16.97 -31.70
N ALA B 137 1.77 16.25 -31.32
CA ALA B 137 1.88 15.15 -30.37
C ALA B 137 0.61 14.33 -30.47
N THR B 138 0.70 13.07 -30.05
CA THR B 138 -0.47 12.22 -29.93
C THR B 138 -0.48 11.52 -28.58
N PHE B 139 -1.62 11.60 -27.90
CA PHE B 139 -1.84 10.80 -26.70
C PHE B 139 -2.78 9.68 -27.07
N TYR B 140 -2.27 8.46 -26.98
CA TYR B 140 -3.00 7.28 -27.44
C TYR B 140 -3.94 6.79 -26.36
N GLY B 141 -5.09 6.31 -26.79
CA GLY B 141 -6.08 5.79 -25.84
C GLY B 141 -6.18 4.28 -25.87
N LEU B 142 -6.71 3.73 -24.78
CA LEU B 142 -7.08 2.32 -24.70
C LEU B 142 -8.55 2.23 -24.31
N ARG B 143 -9.22 1.22 -24.85
CA ARG B 143 -10.68 1.12 -24.70
C ARG B 143 -11.06 -0.16 -23.96
N GLN B 144 -12.03 -0.02 -23.06
CA GLN B 144 -12.59 -1.18 -22.36
C GLN B 144 -13.07 -2.20 -23.39
N GLN B 145 -12.87 -3.49 -23.08
CA GLN B 145 -13.21 -4.57 -24.01
C GLN B 145 -13.90 -5.76 -23.35
N ALA B 146 -13.65 -5.96 -22.05
CA ALA B 146 -14.24 -7.11 -21.34
C ALA B 146 -15.75 -7.00 -21.24
N GLU B 147 -16.43 -8.10 -21.55
CA GLU B 147 -17.89 -8.18 -21.48
C GLU B 147 -18.39 -8.37 -20.05
N ASN B 148 -19.67 -8.10 -19.84
CA ASN B 148 -20.33 -8.32 -18.56
C ASN B 148 -21.30 -9.51 -18.62
N THR B 153 -25.35 -2.66 -21.56
CA THR B 153 -25.91 -1.35 -21.89
C THR B 153 -24.94 -0.19 -21.64
N GLU B 154 -24.00 -0.40 -20.71
CA GLU B 154 -22.98 0.60 -20.40
C GLU B 154 -22.01 0.72 -21.56
N PRO B 155 -21.54 1.96 -21.86
CA PRO B 155 -20.57 2.08 -22.93
C PRO B 155 -19.20 1.50 -22.57
N TYR B 156 -18.33 1.41 -23.57
CA TYR B 156 -16.97 0.96 -23.37
C TYR B 156 -16.08 2.19 -23.50
N TYR B 157 -15.55 2.66 -22.36
CA TYR B 157 -14.85 3.94 -22.29
C TYR B 157 -13.43 3.90 -22.83
N CYS B 158 -13.03 5.04 -23.39
CA CYS B 158 -11.64 5.33 -23.77
C CYS B 158 -11.47 6.82 -23.51
N LEU B 159 -10.28 7.24 -23.07
CA LEU B 159 -10.07 8.66 -22.80
C LEU B 159 -10.38 9.57 -23.99
N SER B 160 -10.16 9.07 -25.21
CA SER B 160 -10.44 9.86 -26.41
C SER B 160 -11.90 10.25 -26.55
N ASP B 161 -12.79 9.47 -25.92
CA ASP B 161 -14.22 9.76 -25.92
C ASP B 161 -14.54 11.12 -25.28
N PHE B 162 -13.59 11.66 -24.50
CA PHE B 162 -13.79 12.93 -23.80
C PHE B 162 -13.27 14.16 -24.56
N ILE B 163 -12.79 13.93 -25.79
CA ILE B 163 -12.25 15.00 -26.64
C ILE B 163 -12.99 15.00 -27.99
N ALA B 164 -13.35 16.19 -28.47
CA ALA B 164 -14.15 16.35 -29.69
C ALA B 164 -13.43 15.75 -30.89
N PRO B 165 -14.14 14.91 -31.68
CA PRO B 165 -13.55 14.38 -32.90
C PRO B 165 -13.06 15.46 -33.86
N LEU B 166 -11.98 15.12 -34.57
CA LEU B 166 -11.38 16.03 -35.54
C LEU B 166 -12.41 16.61 -36.52
N HIS B 167 -13.34 15.77 -36.96
CA HIS B 167 -14.29 16.17 -38.00
C HIS B 167 -15.66 16.62 -37.45
N SER B 168 -15.74 16.83 -36.14
CA SER B 168 -16.97 17.34 -35.52
C SER B 168 -17.23 18.82 -35.80
N GLY B 169 -16.18 19.55 -36.18
CA GLY B 169 -16.28 21.00 -36.36
C GLY B 169 -16.24 21.77 -35.05
N ILE B 170 -16.00 21.06 -33.96
CA ILE B 170 -15.87 21.67 -32.64
C ILE B 170 -14.41 21.60 -32.21
N ARG B 171 -13.86 22.76 -31.85
CA ARG B 171 -12.47 22.80 -31.40
C ARG B 171 -12.37 22.37 -29.94
N ASP B 172 -11.39 21.52 -29.64
CA ASP B 172 -11.16 21.07 -28.27
C ASP B 172 -9.71 21.32 -27.88
N TYR B 173 -9.40 21.03 -26.62
CA TYR B 173 -8.09 21.30 -26.02
C TYR B 173 -7.78 20.25 -24.97
N LEU B 174 -6.49 19.98 -24.81
CA LEU B 174 -6.02 19.10 -23.74
C LEU B 174 -4.95 19.84 -22.96
N GLY B 175 -4.93 19.64 -21.65
CA GLY B 175 -3.82 20.17 -20.85
C GLY B 175 -3.00 19.06 -20.23
N LEU B 176 -1.88 19.44 -19.62
CA LEU B 176 -1.12 18.51 -18.79
C LEU B 176 -0.44 19.28 -17.68
N PHE B 177 0.01 18.55 -16.67
CA PHE B 177 0.82 19.13 -15.60
C PHE B 177 1.83 18.12 -15.08
N ALA B 178 2.87 18.66 -14.45
CA ALA B 178 3.77 17.90 -13.61
C ALA B 178 4.19 18.81 -12.48
N VAL B 179 4.14 18.29 -11.26
CA VAL B 179 4.56 19.04 -10.08
C VAL B 179 5.39 18.16 -9.17
N ALA B 180 6.25 18.79 -8.38
CA ALA B 180 7.06 18.05 -7.40
C ALA B 180 7.51 18.94 -6.26
N CYS B 181 7.73 18.28 -5.13
CA CYS B 181 8.35 18.92 -3.98
C CYS B 181 9.80 18.46 -3.92
N PHE B 182 10.72 19.41 -4.02
CA PHE B 182 12.15 19.14 -3.95
C PHE B 182 12.67 19.31 -2.53
N GLY B 183 13.70 18.54 -2.21
CA GLY B 183 14.35 18.63 -0.91
C GLY B 183 14.02 17.48 0.03
N VAL B 184 12.98 16.73 -0.31
CA VAL B 184 12.47 15.67 0.56
C VAL B 184 13.50 14.56 0.77
N GLU B 185 14.06 14.04 -0.33
CA GLU B 185 15.02 12.94 -0.27
C GLU B 185 16.26 13.34 0.52
N GLU B 186 16.73 14.56 0.27
CA GLU B 186 17.91 15.11 0.93
C GLU B 186 17.72 15.27 2.44
N LEU B 187 16.58 15.85 2.83
CA LEU B 187 16.29 16.03 4.26
C LEU B 187 16.10 14.69 4.95
N SER B 188 15.41 13.77 4.30
CA SER B 188 15.22 12.42 4.84
C SER B 188 16.56 11.72 5.11
N LYS B 189 17.48 11.80 4.16
CA LYS B 189 18.79 11.19 4.33
C LYS B 189 19.56 11.85 5.48
N ALA B 190 19.48 13.18 5.56
CA ALA B 190 20.15 13.92 6.63
C ALA B 190 19.62 13.50 8.00
N TYR B 191 18.31 13.36 8.12
CA TYR B 191 17.70 12.92 9.37
C TYR B 191 18.19 11.53 9.73
N GLU B 192 18.21 10.64 8.74
CA GLU B 192 18.66 9.26 8.93
C GLU B 192 20.12 9.18 9.34
N ASP B 193 20.95 10.02 8.72
CA ASP B 193 22.39 10.11 9.07
C ASP B 193 22.63 10.45 10.54
C ASP B 193 22.59 10.50 10.53
N ASP B 194 21.74 11.25 11.13
N ASP B 194 21.62 11.24 11.07
CA ASP B 194 21.83 11.60 12.54
CA ASP B 194 21.68 11.68 12.45
C ASP B 194 21.21 10.52 13.43
C ASP B 194 20.89 10.73 13.35
N GLY B 195 20.51 9.58 12.80
N GLY B 195 20.55 9.56 12.80
CA GLY B 195 19.84 8.50 13.52
C GLY B 195 18.40 8.83 13.88
N ASP B 196 17.82 9.82 13.20
CA ASP B 196 16.47 10.28 13.49
C ASP B 196 15.49 9.72 12.45
N ASP B 197 15.12 8.45 12.62
CA ASP B 197 14.21 7.79 11.70
C ASP B 197 12.81 8.43 11.75
N TYR B 198 12.41 8.87 12.94
CA TYR B 198 11.10 9.52 13.10
C TYR B 198 10.93 10.69 12.14
N SER B 199 11.91 11.61 12.17
CA SER B 199 11.87 12.79 11.31
C SER B 199 12.00 12.45 9.83
N SER B 200 12.77 11.41 9.51
CA SER B 200 12.88 10.95 8.12
C SER B 200 11.53 10.48 7.59
N ILE B 201 10.83 9.67 8.37
CA ILE B 201 9.50 9.20 8.00
C ILE B 201 8.57 10.41 7.85
N MET B 202 8.66 11.33 8.81
CA MET B 202 7.81 12.51 8.81
C MET B 202 7.99 13.33 7.53
N VAL B 203 9.24 13.64 7.17
CA VAL B 203 9.47 14.52 6.02
C VAL B 203 9.07 13.85 4.72
N LYS B 204 9.33 12.53 4.61
CA LYS B 204 8.86 11.78 3.45
C LYS B 204 7.34 11.84 3.31
N ALA B 205 6.64 11.61 4.43
CA ALA B 205 5.18 11.66 4.44
C ALA B 205 4.66 13.06 4.06
N LEU B 206 5.31 14.09 4.59
CA LEU B 206 4.93 15.47 4.30
C LEU B 206 5.20 15.87 2.86
N GLY B 207 6.34 15.42 2.32
CA GLY B 207 6.66 15.66 0.91
C GLY B 207 5.60 15.10 0.00
N ASP B 208 5.15 13.88 0.30
CA ASP B 208 4.08 13.24 -0.46
C ASP B 208 2.79 14.05 -0.34
N ARG B 209 2.46 14.48 0.88
CA ARG B 209 1.27 15.30 1.10
C ARG B 209 1.32 16.62 0.33
N LEU B 210 2.49 17.26 0.33
CA LEU B 210 2.67 18.54 -0.36
C LEU B 210 2.56 18.40 -1.88
N ALA B 211 3.15 17.35 -2.43
CA ALA B 211 3.07 17.09 -3.87
C ALA B 211 1.61 16.87 -4.29
C ALA B 211 1.63 16.88 -4.32
N GLU B 212 0.88 16.08 -3.50
N GLU B 212 0.87 16.11 -3.54
CA GLU B 212 -0.54 15.83 -3.78
CA GLU B 212 -0.53 15.90 -3.87
C GLU B 212 -1.41 17.08 -3.59
C GLU B 212 -1.34 17.18 -3.70
N ALA B 213 -1.05 17.91 -2.61
N ALA B 213 -1.05 17.92 -2.62
CA ALA B 213 -1.71 19.20 -2.38
C ALA B 213 -1.49 20.16 -3.55
N PHE B 214 -0.26 20.18 -4.06
CA PHE B 214 0.09 20.97 -5.23
C PHE B 214 -0.75 20.52 -6.42
N ALA B 215 -0.84 19.21 -6.66
CA ALA B 215 -1.68 18.71 -7.73
C ALA B 215 -3.14 19.15 -7.59
N GLU B 216 -3.66 19.12 -6.37
CA GLU B 216 -5.05 19.49 -6.13
C GLU B 216 -5.30 20.98 -6.32
N GLU B 217 -4.47 21.80 -5.70
CA GLU B 217 -4.64 23.25 -5.80
C GLU B 217 -4.42 23.73 -7.24
N LEU B 218 -3.42 23.14 -7.90
CA LEU B 218 -3.14 23.51 -9.28
C LEU B 218 -4.28 23.14 -10.21
N HIS B 219 -4.91 21.98 -9.98
CA HIS B 219 -6.05 21.57 -10.78
C HIS B 219 -7.18 22.58 -10.61
N GLU B 220 -7.39 23.04 -9.38
CA GLU B 220 -8.43 24.05 -9.11
C GLU B 220 -8.10 25.35 -9.85
N ARG B 221 -6.84 25.76 -9.79
CA ARG B 221 -6.38 26.95 -10.49
C ARG B 221 -6.57 26.79 -12.00
N VAL B 222 -6.31 25.58 -12.51
CA VAL B 222 -6.54 25.29 -13.92
C VAL B 222 -8.01 25.44 -14.28
N ARG B 223 -8.90 24.81 -13.52
CA ARG B 223 -10.34 24.86 -13.80
C ARG B 223 -10.89 26.28 -13.77
N ARG B 224 -10.42 27.08 -12.82
CA ARG B 224 -11.00 28.41 -12.58
C ARG B 224 -10.29 29.55 -13.29
N GLU B 225 -8.97 29.42 -13.50
CA GLU B 225 -8.16 30.56 -13.92
C GLU B 225 -7.36 30.32 -15.21
N LEU B 226 -6.56 29.24 -15.23
CA LEU B 226 -5.65 29.03 -16.36
C LEU B 226 -6.36 28.47 -17.59
N TRP B 227 -7.21 27.47 -17.37
CA TRP B 227 -8.12 27.02 -18.43
C TRP B 227 -9.39 27.86 -18.34
N ALA B 228 -9.91 28.00 -17.12
CA ALA B 228 -11.08 28.83 -16.81
C ALA B 228 -12.35 28.34 -17.51
N TYR B 229 -12.53 27.02 -17.52
CA TYR B 229 -13.78 26.45 -18.00
C TYR B 229 -14.83 26.38 -16.88
N CYS B 230 -14.37 26.58 -15.65
CA CYS B 230 -15.26 26.68 -14.50
C CYS B 230 -14.89 27.87 -13.62
N GLY B 231 -14.96 29.07 -14.18
CA GLY B 231 -14.57 30.29 -13.49
C GLY B 231 -15.41 30.64 -12.27
N SER B 232 -16.62 30.07 -12.19
CA SER B 232 -17.55 30.36 -11.10
CA SER B 232 -17.55 30.36 -11.10
C SER B 232 -17.55 29.28 -10.01
C SER B 232 -17.42 29.39 -9.93
N GLU B 233 -16.59 28.36 -10.09
CA GLU B 233 -16.45 27.30 -9.10
C GLU B 233 -15.97 27.84 -7.76
N GLN B 234 -16.60 27.36 -6.68
CA GLN B 234 -16.08 27.55 -5.33
C GLN B 234 -16.44 26.36 -4.45
N LEU B 235 -15.49 25.45 -4.34
CA LEU B 235 -15.65 24.23 -3.56
C LEU B 235 -14.65 24.24 -2.41
N ASP B 236 -15.04 23.71 -1.25
CA ASP B 236 -14.07 23.51 -0.18
C ASP B 236 -13.21 22.28 -0.47
N VAL B 237 -12.09 22.17 0.25
CA VAL B 237 -11.11 21.12 0.00
C VAL B 237 -11.70 19.72 0.17
N ALA B 238 -12.64 19.57 1.11
CA ALA B 238 -13.35 18.30 1.29
C ALA B 238 -14.12 17.91 0.04
N ASP B 239 -14.76 18.88 -0.62
CA ASP B 239 -15.47 18.62 -1.87
C ASP B 239 -14.54 18.31 -3.04
N LEU B 240 -13.32 18.85 -3.00
CA LEU B 240 -12.30 18.52 -4.01
C LEU B 240 -11.89 17.05 -3.92
N ARG B 241 -11.71 16.55 -2.69
CA ARG B 241 -11.40 15.14 -2.45
C ARG B 241 -12.50 14.21 -2.94
N ARG B 242 -13.75 14.70 -2.92
CA ARG B 242 -14.91 13.91 -3.34
C ARG B 242 -15.11 13.98 -4.85
N LEU B 243 -14.23 14.71 -5.55
CA LEU B 243 -14.32 14.90 -7.00
C LEU B 243 -15.64 15.57 -7.42
N ARG B 244 -16.05 16.58 -6.66
CA ARG B 244 -17.29 17.30 -6.92
C ARG B 244 -17.18 18.26 -8.10
N TYR B 245 -15.94 18.58 -8.48
CA TYR B 245 -15.69 19.46 -9.63
C TYR B 245 -15.81 18.66 -10.93
N LYS B 246 -15.81 19.39 -12.04
CA LYS B 246 -15.93 18.77 -13.34
C LYS B 246 -14.57 18.72 -14.04
N GLY B 247 -14.36 17.64 -14.78
CA GLY B 247 -13.09 17.41 -15.45
C GLY B 247 -12.23 16.48 -14.63
N ILE B 248 -11.22 15.91 -15.29
CA ILE B 248 -10.39 14.90 -14.63
C ILE B 248 -8.91 15.17 -14.94
N ARG B 249 -8.01 14.55 -14.17
CA ARG B 249 -6.57 14.75 -14.34
C ARG B 249 -5.76 13.44 -14.34
N PRO B 250 -6.16 12.47 -15.20
CA PRO B 250 -5.56 11.13 -15.13
C PRO B 250 -4.11 11.09 -15.61
N ALA B 251 -3.28 10.29 -14.93
CA ALA B 251 -1.87 10.13 -15.27
C ALA B 251 -1.64 8.82 -16.00
N PRO B 252 -0.71 8.82 -16.98
CA PRO B 252 -0.30 7.55 -17.57
C PRO B 252 0.09 6.52 -16.51
N GLY B 253 -0.37 5.29 -16.69
CA GLY B 253 -0.04 4.20 -15.78
C GLY B 253 -1.18 3.87 -14.83
N TYR B 254 -2.05 4.85 -14.60
CA TYR B 254 -3.25 4.61 -13.80
C TYR B 254 -4.30 3.86 -14.63
N PRO B 255 -5.34 3.32 -13.97
CA PRO B 255 -6.23 2.39 -14.69
C PRO B 255 -6.93 2.92 -15.94
N SER B 256 -7.09 4.25 -16.06
CA SER B 256 -7.71 4.88 -17.24
C SER B 256 -6.86 4.80 -18.52
N GLN B 257 -5.57 4.58 -18.36
CA GLN B 257 -4.65 4.39 -19.50
C GLN B 257 -3.36 3.85 -18.91
N PRO B 258 -3.28 2.52 -18.71
CA PRO B 258 -2.15 1.90 -18.02
C PRO B 258 -0.77 1.96 -18.71
N ASP B 259 -0.69 2.56 -19.89
CA ASP B 259 0.60 2.65 -20.59
C ASP B 259 1.49 3.76 -20.04
N HIS B 260 2.45 3.38 -19.19
CA HIS B 260 3.36 4.35 -18.59
C HIS B 260 4.19 5.13 -19.60
N THR B 261 4.43 4.55 -20.77
CA THR B 261 5.27 5.23 -21.78
C THR B 261 4.67 6.52 -22.32
N GLU B 262 3.38 6.74 -22.07
CA GLU B 262 2.75 7.99 -22.48
C GLU B 262 3.35 9.20 -21.75
N LYS B 263 3.95 8.94 -20.59
CA LYS B 263 4.74 9.97 -19.91
C LYS B 263 5.87 10.55 -20.76
N LEU B 264 6.49 9.70 -21.58
CA LEU B 264 7.54 10.18 -22.48
C LEU B 264 7.05 11.33 -23.37
N THR B 265 5.84 11.20 -23.87
CA THR B 265 5.26 12.25 -24.71
C THR B 265 4.97 13.53 -23.94
N MET B 266 4.45 13.38 -22.72
CA MET B 266 4.25 14.53 -21.83
C MET B 266 5.57 15.26 -21.62
N TRP B 267 6.61 14.51 -21.30
CA TRP B 267 7.91 15.10 -20.98
C TRP B 267 8.56 15.78 -22.18
C TRP B 267 8.52 15.79 -22.19
N ARG B 268 8.33 15.23 -23.37
N ARG B 268 8.41 15.16 -23.37
CA ARG B 268 8.88 15.79 -24.59
CA ARG B 268 8.87 15.77 -24.61
C ARG B 268 8.13 17.05 -25.00
C ARG B 268 8.12 17.06 -24.90
N LEU B 269 6.81 16.94 -25.07
N LEU B 269 6.80 16.94 -25.08
CA LEU B 269 5.95 18.05 -25.50
C LEU B 269 6.10 19.31 -24.63
N ALA B 270 6.10 19.13 -23.31
CA ALA B 270 6.11 20.26 -22.40
C ALA B 270 7.51 20.58 -21.86
N ASP B 271 8.52 19.93 -22.43
CA ASP B 271 9.92 20.15 -22.04
C ASP B 271 10.04 20.10 -20.51
N ILE B 272 9.46 19.07 -19.91
CA ILE B 272 9.26 19.07 -18.45
C ILE B 272 10.56 19.07 -17.65
N GLU B 273 11.51 18.20 -18.03
CA GLU B 273 12.74 18.10 -17.26
C GLU B 273 13.54 19.40 -17.29
N GLN B 274 13.69 19.99 -18.47
CA GLN B 274 14.46 21.24 -18.55
C GLN B 274 13.76 22.43 -17.90
N SER B 275 12.43 22.38 -17.85
N SER B 275 12.44 22.40 -17.83
CA SER B 275 11.63 23.46 -17.28
CA SER B 275 11.69 23.52 -17.26
C SER B 275 11.53 23.39 -15.76
C SER B 275 11.50 23.41 -15.75
N THR B 276 11.52 22.17 -15.22
N THR B 276 11.53 22.18 -15.22
CA THR B 276 11.17 21.95 -13.81
C THR B 276 12.18 21.11 -13.03
N GLY B 277 13.06 20.40 -13.73
CA GLY B 277 13.98 19.47 -13.07
C GLY B 277 13.39 18.10 -12.78
C GLY B 277 13.36 18.14 -12.66
N ILE B 278 12.07 17.98 -12.90
N ILE B 278 12.09 17.93 -13.02
CA ILE B 278 11.41 16.70 -12.67
CA ILE B 278 11.43 16.66 -12.74
C ILE B 278 11.73 15.77 -13.84
C ILE B 278 11.82 15.66 -13.83
N ARG B 279 12.36 14.64 -13.53
N ARG B 279 12.36 14.53 -13.39
CA ARG B 279 12.81 13.71 -14.55
CA ARG B 279 12.98 13.57 -14.30
C ARG B 279 11.97 12.43 -14.56
C ARG B 279 12.20 12.26 -14.36
N LEU B 280 12.15 11.65 -15.62
N LEU B 280 12.12 11.67 -15.56
CA LEU B 280 11.62 10.30 -15.68
C LEU B 280 12.77 9.32 -15.54
N THR B 281 12.61 8.35 -14.64
CA THR B 281 13.64 7.34 -14.42
C THR B 281 13.54 6.26 -15.51
N GLU B 282 14.46 5.30 -15.48
CA GLU B 282 14.44 4.18 -16.43
C GLU B 282 13.12 3.43 -16.40
N SER B 283 12.49 3.37 -15.22
CA SER B 283 11.21 2.67 -15.00
C SER B 283 10.00 3.57 -15.27
N LEU B 284 10.30 4.81 -15.66
CA LEU B 284 9.30 5.86 -15.96
CA LEU B 284 9.27 5.83 -15.97
C LEU B 284 8.60 6.38 -14.72
N ALA B 285 9.23 6.18 -13.57
CA ALA B 285 8.81 6.80 -12.33
C ALA B 285 9.28 8.25 -12.39
N MET B 286 8.63 9.13 -11.63
CA MET B 286 9.10 10.50 -11.53
C MET B 286 10.18 10.63 -10.46
N ALA B 287 11.13 11.52 -10.73
CA ALA B 287 12.17 11.90 -9.77
C ALA B 287 12.21 13.43 -9.71
N PRO B 288 12.08 14.00 -8.49
CA PRO B 288 12.01 13.31 -7.20
C PRO B 288 10.69 12.59 -7.00
N ALA B 289 10.65 11.70 -6.00
CA ALA B 289 9.53 10.79 -5.80
C ALA B 289 8.25 11.50 -5.35
N SER B 290 8.41 12.62 -4.65
CA SER B 290 7.27 13.45 -4.22
C SER B 290 6.81 14.28 -5.40
N ALA B 291 6.04 13.66 -6.28
CA ALA B 291 5.70 14.25 -7.56
C ALA B 291 4.42 13.66 -8.09
N VAL B 292 3.74 14.44 -8.93
CA VAL B 292 2.46 14.05 -9.51
C VAL B 292 2.41 14.66 -10.89
N SER B 293 1.83 13.93 -11.84
CA SER B 293 1.64 14.44 -13.19
C SER B 293 0.27 13.99 -13.71
N GLY B 294 -0.14 14.52 -14.85
CA GLY B 294 -1.38 14.06 -15.46
C GLY B 294 -1.80 14.85 -16.67
N LEU B 295 -2.82 14.35 -17.35
CA LEU B 295 -3.45 15.04 -18.46
C LEU B 295 -4.74 15.66 -17.95
N TYR B 296 -5.02 16.88 -18.35
CA TYR B 296 -6.26 17.55 -17.97
C TYR B 296 -7.33 17.44 -19.06
N PHE B 297 -8.48 16.90 -18.68
CA PHE B 297 -9.65 16.84 -19.55
C PHE B 297 -10.68 17.76 -18.95
N SER B 298 -11.25 18.66 -19.77
CA SER B 298 -12.22 19.64 -19.27
C SER B 298 -13.68 19.24 -19.40
N ASN B 299 -13.96 18.20 -20.19
CA ASN B 299 -15.36 17.86 -20.47
C ASN B 299 -16.18 17.56 -19.21
C ASN B 299 -16.06 17.47 -19.17
N LEU B 300 -17.39 18.10 -19.17
N LEU B 300 -17.23 18.06 -18.92
CA LEU B 300 -18.29 17.94 -18.03
CA LEU B 300 -17.93 17.80 -17.67
C LEU B 300 -18.57 16.48 -17.75
C LEU B 300 -18.40 16.35 -17.56
N LYS B 301 -18.50 15.65 -18.79
N LYS B 301 -18.51 15.66 -18.69
CA LYS B 301 -18.88 14.24 -18.70
C LYS B 301 -17.67 13.31 -18.63
N SER B 302 -16.46 13.88 -18.57
CA SER B 302 -15.27 13.06 -18.39
C SER B 302 -15.31 12.44 -16.99
N LYS B 303 -14.79 11.23 -16.89
CA LYS B 303 -14.77 10.52 -15.62
C LYS B 303 -13.63 9.52 -15.65
N TYR B 304 -13.11 9.20 -14.46
CA TYR B 304 -12.14 8.13 -14.33
C TYR B 304 -12.84 6.79 -14.52
N PHE B 305 -12.07 5.82 -15.01
CA PHE B 305 -12.56 4.46 -15.25
C PHE B 305 -11.34 3.56 -15.39
N ALA B 306 -11.53 2.26 -15.24
CA ALA B 306 -10.48 1.29 -15.50
C ALA B 306 -10.69 0.67 -16.88
N VAL B 307 -9.67 0.76 -17.72
CA VAL B 307 -9.70 0.06 -19.01
C VAL B 307 -10.01 -1.42 -18.81
N GLY B 308 -9.35 -2.04 -17.84
CA GLY B 308 -9.48 -3.48 -17.60
C GLY B 308 -8.72 -4.28 -18.64
N LYS B 309 -8.98 -5.58 -18.67
CA LYS B 309 -8.23 -6.46 -19.56
C LYS B 309 -8.63 -6.30 -21.02
N ILE B 310 -7.64 -6.38 -21.90
CA ILE B 310 -7.85 -6.16 -23.34
C ILE B 310 -7.40 -7.35 -24.17
N SER B 311 -7.91 -7.43 -25.39
CA SER B 311 -7.63 -8.56 -26.29
C SER B 311 -6.45 -8.27 -27.21
N LYS B 312 -5.94 -9.33 -27.84
CA LYS B 312 -4.83 -9.24 -28.79
C LYS B 312 -5.09 -8.27 -29.94
N ASP B 313 -6.34 -8.22 -30.41
CA ASP B 313 -6.68 -7.30 -31.50
C ASP B 313 -6.37 -5.85 -31.15
N GLN B 314 -6.68 -5.45 -29.92
CA GLN B 314 -6.42 -4.08 -29.48
C GLN B 314 -4.92 -3.84 -29.27
N VAL B 315 -4.23 -4.82 -28.69
CA VAL B 315 -2.77 -4.77 -28.53
C VAL B 315 -2.07 -4.55 -29.88
N GLU B 316 -2.47 -5.32 -30.88
CA GLU B 316 -1.88 -5.19 -32.22
C GLU B 316 -2.21 -3.85 -32.89
N ASP B 317 -3.44 -3.38 -32.71
CA ASP B 317 -3.84 -2.09 -33.28
C ASP B 317 -3.09 -0.94 -32.60
N TYR B 318 -2.98 -1.02 -31.28
CA TYR B 318 -2.30 -0.01 -30.47
C TYR B 318 -0.83 0.10 -30.87
N ALA B 319 -0.18 -1.06 -31.03
CA ALA B 319 1.20 -1.13 -31.49
C ALA B 319 1.39 -0.47 -32.86
N LEU B 320 0.47 -0.76 -33.78
CA LEU B 320 0.47 -0.13 -35.10
C LEU B 320 0.35 1.40 -35.03
N ARG B 321 -0.58 1.89 -34.22
CA ARG B 321 -0.81 3.32 -34.05
C ARG B 321 0.39 4.03 -33.45
N LYS B 322 0.99 3.42 -32.45
CA LYS B 322 2.15 3.99 -31.75
C LYS B 322 3.46 3.77 -32.49
N ASN B 323 3.42 2.95 -33.55
CA ASN B 323 4.62 2.61 -34.34
C ASN B 323 5.69 1.93 -33.47
N ILE B 324 5.25 0.97 -32.66
CA ILE B 324 6.10 0.20 -31.77
C ILE B 324 5.76 -1.29 -31.96
N SER B 325 6.63 -2.18 -31.48
CA SER B 325 6.41 -3.61 -31.66
C SER B 325 5.32 -4.15 -30.73
N VAL B 326 4.66 -5.22 -31.16
CA VAL B 326 3.69 -5.92 -30.33
C VAL B 326 4.35 -6.41 -29.03
N ALA B 327 5.56 -6.95 -29.13
CA ALA B 327 6.34 -7.36 -27.96
C ALA B 327 6.49 -6.26 -26.91
N GLU B 328 6.79 -5.05 -27.34
CA GLU B 328 6.92 -3.91 -26.42
C GLU B 328 5.60 -3.57 -25.74
N VAL B 329 4.51 -3.54 -26.52
CA VAL B 329 3.19 -3.25 -25.97
C VAL B 329 2.81 -4.29 -24.91
N GLU B 330 3.07 -5.57 -25.22
CA GLU B 330 2.78 -6.65 -24.27
C GLU B 330 3.60 -6.54 -23.00
N LYS B 331 4.79 -5.94 -23.10
CA LYS B 331 5.61 -5.67 -21.91
C LYS B 331 4.97 -4.57 -21.06
N TRP B 332 4.68 -3.42 -21.68
CA TRP B 332 4.13 -2.27 -20.96
C TRP B 332 2.70 -2.48 -20.45
N LEU B 333 1.94 -3.30 -21.15
CA LEU B 333 0.55 -3.56 -20.78
C LEU B 333 0.34 -4.95 -20.18
N GLY B 334 1.43 -5.61 -19.79
CA GLY B 334 1.37 -6.94 -19.18
C GLY B 334 0.19 -7.21 -18.27
N PRO B 335 0.04 -6.41 -17.19
CA PRO B 335 -1.06 -6.58 -16.23
C PRO B 335 -2.49 -6.59 -16.80
N ILE B 336 -2.70 -5.94 -17.94
CA ILE B 336 -4.06 -5.87 -18.53
C ILE B 336 -4.27 -6.72 -19.78
N LEU B 337 -3.36 -7.65 -20.05
CA LEU B 337 -3.56 -8.56 -21.17
C LEU B 337 -4.60 -9.62 -20.81
N GLY B 338 -5.65 -9.72 -21.63
CA GLY B 338 -6.75 -10.65 -21.39
C GLY B 338 -6.55 -11.99 -22.05
N TYR B 339 -5.29 -12.29 -22.37
CA TYR B 339 -4.91 -13.53 -23.06
C TYR B 339 -3.52 -13.93 -22.62
N ASP B 340 -3.14 -15.18 -22.91
CA ASP B 340 -1.80 -15.67 -22.56
C ASP B 340 -0.80 -15.35 -23.67
N THR B 341 0.36 -14.86 -23.28
CA THR B 341 1.43 -14.47 -24.20
C THR B 341 1.76 -15.56 -25.22
#